data_8WK1
#
_entry.id   8WK1
#
_cell.length_a   70.473
_cell.length_b   72.055
_cell.length_c   147.495
_cell.angle_alpha   90.000
_cell.angle_beta   90.000
_cell.angle_gamma   90.000
#
_symmetry.space_group_name_H-M   'P 21 21 21'
#
loop_
_entity.id
_entity.type
_entity.pdbx_description
1 polymer 'Cationic trypsin'
2 polymer '21 kDa seed protein-like'
3 non-polymer 'SULFATE ION'
4 non-polymer GLYCEROL
5 non-polymer 'ACETATE ION'
6 water water
#
loop_
_entity_poly.entity_id
_entity_poly.type
_entity_poly.pdbx_seq_one_letter_code
_entity_poly.pdbx_strand_id
1 'polypeptide(L)'
;IVGGYTCGANTVPYQVSLNSGYHFCGGSLINSQWVVSAAHCYKSGIQVRLGEDNINVVEGNEQFISASKSIVHPSYNSNT
LNNDIMLIKLKSAASLNSRVASISLPTSCASAGTQCLISGWGNTKSSGTSYPDVLKCLKAPILSDSSCKSAYPGQITSNM
FCAGYLEGGKDSCQGDSGGPVVCSGKLQGIVSWGSGCAQKNKPGVYTKVCNYVSWIKQTIASN
;
A,C
2 'polypeptide(L)'
;KNEPVLDTDGDELRAGEQYYVVSAIWGAGGGGLALGRLTDQKCPEIVVQRRSDLDYGTPVVFYNLDTKDDIVRRSTDLNI
QFVPIRDRLCLTSTVWKIDDYDTSTGKWWVTTDGVIGNPSPQTLQSWFKIEKSGNLGYKFNFCPSVCESCVTLCNDIGRY
GHDGQIRLALGENAWPFVFKKASSTIKQVVNAKN
;
B,D
#
loop_
_chem_comp.id
_chem_comp.type
_chem_comp.name
_chem_comp.formula
ACT non-polymer 'ACETATE ION' 'C2 H3 O2 -1'
GOL non-polymer GLYCEROL 'C3 H8 O3'
SO4 non-polymer 'SULFATE ION' 'O4 S -2'
#
# COMPACT_ATOMS: atom_id res chain seq x y z
N ILE A 1 -25.29 -6.24 8.12
CA ILE A 1 -26.71 -6.23 8.48
C ILE A 1 -27.00 -5.10 9.45
N VAL A 2 -27.93 -4.22 9.10
CA VAL A 2 -28.28 -3.06 9.93
C VAL A 2 -29.66 -3.31 10.51
N GLY A 3 -29.81 -3.04 11.81
CA GLY A 3 -31.09 -3.20 12.46
C GLY A 3 -31.48 -4.63 12.72
N GLY A 4 -30.52 -5.55 12.69
CA GLY A 4 -30.77 -6.95 12.94
C GLY A 4 -30.43 -7.37 14.36
N TYR A 5 -30.14 -8.66 14.51
CA TYR A 5 -29.80 -9.26 15.80
C TYR A 5 -28.70 -10.29 15.58
N THR A 6 -27.96 -10.57 16.64
CA THR A 6 -27.00 -11.66 16.60
C THR A 6 -27.74 -12.97 16.42
N CYS A 7 -27.30 -13.79 15.48
CA CYS A 7 -28.01 -15.02 15.18
C CYS A 7 -27.84 -16.03 16.31
N GLY A 8 -28.86 -16.85 16.51
CA GLY A 8 -28.73 -17.96 17.43
C GLY A 8 -27.58 -18.84 17.03
N ALA A 9 -27.00 -19.56 18.00
CA ALA A 9 -25.73 -20.25 17.83
C ALA A 9 -25.71 -21.13 16.57
N ASN A 10 -26.71 -22.00 16.41
CA ASN A 10 -26.76 -22.93 15.31
C ASN A 10 -27.83 -22.56 14.29
N THR A 11 -28.36 -21.35 14.34
CA THR A 11 -29.57 -21.08 13.61
C THR A 11 -29.35 -20.78 12.13
N VAL A 12 -28.10 -20.57 11.70
CA VAL A 12 -27.80 -20.31 10.30
C VAL A 12 -26.61 -21.16 9.88
N PRO A 13 -26.72 -22.50 9.96
CA PRO A 13 -25.55 -23.35 9.68
C PRO A 13 -25.21 -23.47 8.20
N TYR A 14 -26.03 -22.92 7.32
CA TYR A 14 -25.71 -22.91 5.89
C TYR A 14 -24.94 -21.67 5.48
N GLN A 15 -24.76 -20.71 6.38
CA GLN A 15 -23.98 -19.51 6.09
C GLN A 15 -22.50 -19.85 6.02
N VAL A 16 -21.83 -19.44 4.95
CA VAL A 16 -20.40 -19.59 4.83
C VAL A 16 -19.80 -18.22 4.58
N SER A 17 -18.48 -18.14 4.75
CA SER A 17 -17.73 -16.94 4.47
C SER A 17 -16.74 -17.25 3.35
N LEU A 18 -16.65 -16.36 2.38
CA LEU A 18 -15.63 -16.47 1.35
C LEU A 18 -14.43 -15.66 1.79
N ASN A 19 -13.23 -16.25 1.64
CA ASN A 19 -12.03 -15.77 2.32
C ASN A 19 -10.85 -15.71 1.36
N SER A 20 -10.11 -14.60 1.38
CA SER A 20 -8.78 -14.51 0.77
C SER A 20 -7.84 -13.93 1.83
N GLY A 21 -7.61 -14.70 2.89
CA GLY A 21 -6.92 -14.20 4.06
C GLY A 21 -7.75 -13.29 4.93
N TYR A 22 -8.98 -12.97 4.51
CA TYR A 22 -9.91 -12.14 5.25
C TYR A 22 -11.29 -12.35 4.63
N HIS A 23 -12.33 -12.07 5.41
CA HIS A 23 -13.69 -12.22 4.93
C HIS A 23 -14.03 -11.09 3.97
N PHE A 24 -14.51 -11.44 2.76
CA PHE A 24 -14.95 -10.42 1.83
C PHE A 24 -16.36 -10.64 1.27
N CYS A 25 -16.95 -11.83 1.41
CA CYS A 25 -18.28 -12.10 0.88
C CYS A 25 -18.88 -13.24 1.67
N GLY A 26 -20.22 -13.32 1.67
CA GLY A 26 -20.94 -14.45 2.22
C GLY A 26 -21.29 -15.44 1.12
N GLY A 27 -21.82 -16.59 1.55
CA GLY A 27 -22.32 -17.59 0.62
C GLY A 27 -23.23 -18.55 1.35
N SER A 28 -23.79 -19.51 0.60
CA SER A 28 -24.70 -20.49 1.16
C SER A 28 -24.28 -21.91 0.75
N LEU A 29 -24.21 -22.82 1.72
CA LEU A 29 -23.94 -24.24 1.40
C LEU A 29 -25.22 -24.89 0.86
N ILE A 30 -25.16 -25.47 -0.33
CA ILE A 30 -26.37 -26.09 -0.96
C ILE A 30 -26.18 -27.61 -0.98
N ASN A 31 -24.93 -28.06 -1.01
CA ASN A 31 -24.64 -29.50 -0.83
C ASN A 31 -23.29 -29.59 -0.13
N SER A 32 -22.89 -30.79 0.29
CA SER A 32 -21.61 -30.97 1.02
C SER A 32 -20.43 -30.37 0.26
N GLN A 33 -20.53 -30.25 -1.06
CA GLN A 33 -19.35 -29.78 -1.84
C GLN A 33 -19.65 -28.52 -2.66
N TRP A 34 -20.82 -27.89 -2.51
CA TRP A 34 -21.10 -26.74 -3.36
C TRP A 34 -21.67 -25.58 -2.55
N VAL A 35 -21.29 -24.36 -2.94
CA VAL A 35 -21.67 -23.13 -2.26
C VAL A 35 -22.25 -22.19 -3.32
N VAL A 36 -23.37 -21.54 -3.01
CA VAL A 36 -23.96 -20.51 -3.85
C VAL A 36 -23.54 -19.15 -3.31
N SER A 37 -23.10 -18.26 -4.20
CA SER A 37 -22.76 -16.90 -3.80
C SER A 37 -23.05 -15.96 -4.98
N ALA A 38 -22.60 -14.72 -4.88
CA ALA A 38 -22.79 -13.75 -5.96
C ALA A 38 -21.63 -13.79 -6.96
N ALA A 39 -21.97 -13.61 -8.24
CA ALA A 39 -20.93 -13.52 -9.28
C ALA A 39 -19.95 -12.39 -9.00
N HIS A 40 -20.42 -11.28 -8.45
CA HIS A 40 -19.51 -10.18 -8.19
C HIS A 40 -18.54 -10.47 -7.06
N CYS A 41 -18.73 -11.58 -6.34
CA CYS A 41 -17.79 -12.00 -5.31
C CYS A 41 -16.63 -12.81 -5.87
N TYR A 42 -16.59 -13.03 -7.18
CA TYR A 42 -15.58 -13.92 -7.72
C TYR A 42 -14.18 -13.38 -7.47
N LYS A 43 -13.28 -14.27 -7.07
CA LYS A 43 -11.86 -14.03 -7.15
C LYS A 43 -11.17 -15.39 -7.09
N SER A 44 -10.04 -15.52 -7.77
CA SER A 44 -9.32 -16.78 -7.75
C SER A 44 -8.71 -17.00 -6.37
N GLY A 45 -8.59 -18.27 -5.99
CA GLY A 45 -7.95 -18.60 -4.73
C GLY A 45 -8.83 -18.52 -3.51
N ILE A 46 -10.15 -18.67 -3.68
CA ILE A 46 -11.07 -18.49 -2.56
C ILE A 46 -10.91 -19.64 -1.58
N GLN A 47 -10.78 -19.30 -0.30
CA GLN A 47 -10.97 -20.26 0.78
C GLN A 47 -12.36 -20.03 1.37
N VAL A 48 -13.11 -21.11 1.58
CA VAL A 48 -14.45 -21.04 2.15
C VAL A 48 -14.38 -21.46 3.61
N ARG A 49 -15.00 -20.67 4.49
CA ARG A 49 -14.99 -20.95 5.92
C ARG A 49 -16.41 -21.26 6.37
N LEU A 50 -16.58 -22.37 7.10
CA LEU A 50 -17.88 -22.85 7.51
C LEU A 50 -17.88 -23.10 9.01
N GLY A 51 -19.02 -22.84 9.64
CA GLY A 51 -19.16 -23.06 11.07
C GLY A 51 -18.48 -22.02 11.93
N GLU A 52 -18.46 -20.77 11.50
CA GLU A 52 -17.56 -19.80 12.10
C GLU A 52 -18.15 -19.18 13.36
N ASP A 53 -17.32 -19.06 14.41
CA ASP A 53 -17.67 -18.29 15.60
C ASP A 53 -17.37 -16.82 15.34
N ASN A 54 -16.14 -16.42 15.65
CA ASN A 54 -15.66 -15.07 15.40
C ASN A 54 -14.93 -15.08 14.06
N ILE A 55 -15.50 -14.44 13.03
CA ILE A 55 -14.83 -14.46 11.72
C ILE A 55 -13.48 -13.75 11.77
N ASN A 56 -13.25 -12.90 12.77
CA ASN A 56 -11.95 -12.25 12.96
C ASN A 56 -10.94 -13.12 13.69
N VAL A 57 -11.27 -14.38 13.99
CA VAL A 57 -10.39 -15.23 14.76
C VAL A 57 -10.53 -16.69 14.33
N VAL A 58 -9.43 -17.27 13.84
CA VAL A 58 -9.41 -18.70 13.56
C VAL A 58 -9.60 -19.48 14.85
N GLU A 59 -10.39 -20.55 14.78
CA GLU A 59 -10.71 -21.35 15.95
C GLU A 59 -11.06 -22.76 15.54
N GLY A 60 -11.26 -23.62 16.55
CA GLY A 60 -11.81 -24.93 16.32
C GLY A 60 -13.29 -24.86 15.99
N ASN A 61 -13.83 -26.02 15.63
CA ASN A 61 -15.21 -26.20 15.15
C ASN A 61 -15.39 -25.70 13.73
N GLU A 62 -14.44 -24.91 13.24
CA GLU A 62 -14.52 -24.33 11.91
C GLU A 62 -13.76 -25.19 10.90
N GLN A 63 -14.32 -25.30 9.69
CA GLN A 63 -13.71 -26.03 8.59
C GLN A 63 -13.31 -25.07 7.49
N PHE A 64 -12.04 -25.13 7.07
CA PHE A 64 -11.48 -24.24 6.05
C PHE A 64 -11.25 -25.09 4.81
N ILE A 65 -12.03 -24.86 3.75
CA ILE A 65 -11.94 -25.66 2.53
C ILE A 65 -11.66 -24.74 1.37
N SER A 66 -10.61 -25.07 0.61
CA SER A 66 -10.26 -24.32 -0.59
C SER A 66 -11.29 -24.54 -1.69
N ALA A 67 -11.68 -23.46 -2.36
CA ALA A 67 -12.49 -23.60 -3.56
C ALA A 67 -11.65 -24.26 -4.65
N SER A 68 -12.19 -25.30 -5.27
CA SER A 68 -11.54 -25.93 -6.39
C SER A 68 -12.01 -25.38 -7.73
N LYS A 69 -13.21 -24.81 -7.79
CA LYS A 69 -13.66 -24.10 -8.97
C LYS A 69 -14.70 -23.08 -8.56
N SER A 70 -14.76 -21.98 -9.32
CA SER A 70 -15.70 -20.89 -9.11
C SER A 70 -16.32 -20.57 -10.45
N ILE A 71 -17.61 -20.87 -10.60
CA ILE A 71 -18.30 -20.78 -11.88
C ILE A 71 -19.26 -19.59 -11.82
N VAL A 72 -18.82 -18.47 -12.39
CA VAL A 72 -19.65 -17.29 -12.53
C VAL A 72 -20.72 -17.56 -13.58
N HIS A 73 -21.93 -17.06 -13.33
CA HIS A 73 -22.98 -17.18 -14.34
C HIS A 73 -22.49 -16.57 -15.64
N PRO A 74 -22.66 -17.25 -16.78
CA PRO A 74 -22.02 -16.77 -18.01
C PRO A 74 -22.65 -15.49 -18.57
N SER A 75 -23.85 -15.12 -18.16
CA SER A 75 -24.45 -13.86 -18.61
C SER A 75 -24.27 -12.74 -17.60
N TYR A 76 -23.44 -12.95 -16.58
CA TYR A 76 -23.26 -11.93 -15.56
C TYR A 76 -22.61 -10.70 -16.17
N ASN A 77 -23.26 -9.55 -16.00
CA ASN A 77 -22.81 -8.31 -16.60
C ASN A 77 -22.59 -7.28 -15.49
N SER A 78 -21.38 -6.72 -15.45
CA SER A 78 -21.00 -5.70 -14.50
C SER A 78 -21.78 -4.38 -14.67
N ASN A 79 -22.32 -4.11 -15.86
CA ASN A 79 -23.04 -2.84 -15.96
C ASN A 79 -24.50 -2.98 -15.53
N THR A 80 -25.16 -4.04 -15.93
CA THR A 80 -26.57 -4.20 -15.59
C THR A 80 -26.76 -4.85 -14.23
N LEU A 81 -25.67 -5.27 -13.56
CA LEU A 81 -25.70 -6.02 -12.31
C LEU A 81 -26.53 -7.29 -12.42
N ASN A 82 -26.94 -7.66 -13.63
CA ASN A 82 -27.87 -8.75 -13.82
C ASN A 82 -27.14 -10.08 -13.71
N ASN A 83 -27.90 -11.13 -13.39
CA ASN A 83 -27.37 -12.49 -13.29
C ASN A 83 -26.22 -12.59 -12.30
N ASP A 84 -26.42 -12.02 -11.11
CA ASP A 84 -25.37 -11.95 -10.10
C ASP A 84 -25.39 -13.19 -9.21
N ILE A 85 -24.92 -14.30 -9.79
CA ILE A 85 -24.91 -15.58 -9.08
C ILE A 85 -23.64 -16.34 -9.46
N MET A 86 -23.12 -17.11 -8.52
CA MET A 86 -21.89 -17.86 -8.75
C MET A 86 -21.92 -19.13 -7.94
N LEU A 87 -21.36 -20.21 -8.49
CA LEU A 87 -21.28 -21.49 -7.80
C LEU A 87 -19.82 -21.80 -7.47
N ILE A 88 -19.57 -22.26 -6.25
CA ILE A 88 -18.23 -22.62 -5.82
C ILE A 88 -18.26 -24.10 -5.45
N LYS A 89 -17.38 -24.88 -6.07
CA LYS A 89 -17.17 -26.27 -5.68
C LYS A 89 -16.03 -26.35 -4.66
N LEU A 90 -16.26 -27.08 -3.58
CA LEU A 90 -15.23 -27.23 -2.55
C LEU A 90 -14.26 -28.33 -2.95
N LYS A 91 -12.97 -28.09 -2.66
CA LYS A 91 -11.94 -29.07 -3.03
C LYS A 91 -12.22 -30.42 -2.38
N SER A 92 -12.53 -30.42 -1.09
CA SER A 92 -13.02 -31.60 -0.39
C SER A 92 -14.42 -31.33 0.12
N ALA A 93 -15.21 -32.40 0.24
CA ALA A 93 -16.53 -32.24 0.81
C ALA A 93 -16.43 -31.75 2.25
N ALA A 94 -17.46 -31.04 2.69
CA ALA A 94 -17.52 -30.54 4.04
C ALA A 94 -18.18 -31.57 4.95
N SER A 95 -17.80 -31.53 6.23
CA SER A 95 -18.43 -32.36 7.26
C SER A 95 -19.66 -31.64 7.79
N LEU A 96 -20.82 -32.25 7.58
CA LEU A 96 -22.05 -31.68 8.11
C LEU A 96 -22.21 -32.04 9.58
N ASN A 97 -22.87 -31.15 10.32
CA ASN A 97 -23.08 -31.35 11.75
C ASN A 97 -24.06 -30.31 12.27
N SER A 98 -23.95 -29.97 13.55
CA SER A 98 -24.88 -29.01 14.14
C SER A 98 -24.59 -27.58 13.65
N ARG A 99 -23.34 -27.29 13.30
CA ARG A 99 -22.93 -25.95 12.92
C ARG A 99 -22.74 -25.78 11.42
N VAL A 100 -22.77 -26.88 10.67
CA VAL A 100 -22.56 -26.88 9.22
C VAL A 100 -23.64 -27.76 8.60
N ALA A 101 -24.45 -27.17 7.71
CA ALA A 101 -25.55 -27.90 7.08
C ALA A 101 -25.92 -27.17 5.80
N SER A 102 -26.57 -27.88 4.89
CA SER A 102 -26.96 -27.23 3.65
C SER A 102 -28.37 -26.65 3.77
N ILE A 103 -28.71 -25.81 2.79
CA ILE A 103 -30.02 -25.19 2.69
C ILE A 103 -30.63 -25.61 1.36
N SER A 104 -31.94 -25.90 1.37
CA SER A 104 -32.62 -26.37 0.17
C SER A 104 -32.76 -25.25 -0.87
N LEU A 105 -32.64 -25.64 -2.13
CA LEU A 105 -33.00 -24.78 -3.25
C LEU A 105 -34.52 -24.68 -3.38
N PRO A 106 -35.04 -23.59 -3.92
CA PRO A 106 -36.50 -23.45 -4.06
C PRO A 106 -37.00 -24.29 -5.22
N THR A 107 -38.28 -24.64 -5.14
CA THR A 107 -38.99 -25.28 -6.25
C THR A 107 -39.96 -24.32 -6.93
N SER A 108 -40.26 -23.19 -6.32
CA SER A 108 -41.02 -22.13 -6.96
C SER A 108 -40.61 -20.80 -6.33
N CYS A 109 -40.81 -19.72 -7.09
CA CYS A 109 -40.45 -18.40 -6.61
C CYS A 109 -41.32 -18.00 -5.41
N ALA A 110 -40.79 -17.10 -4.58
CA ALA A 110 -41.53 -16.58 -3.45
C ALA A 110 -42.25 -15.29 -3.84
N SER A 111 -43.36 -15.05 -3.17
CA SER A 111 -44.20 -13.92 -3.50
C SER A 111 -43.93 -12.74 -2.57
N ALA A 112 -44.19 -11.53 -3.07
CA ALA A 112 -44.05 -10.33 -2.24
C ALA A 112 -44.80 -10.50 -0.93
N GLY A 113 -44.24 -9.95 0.14
CA GLY A 113 -44.79 -10.09 1.46
C GLY A 113 -44.26 -11.28 2.25
N THR A 114 -43.68 -12.27 1.58
CA THR A 114 -43.05 -13.38 2.30
C THR A 114 -41.95 -12.86 3.22
N GLN A 115 -41.92 -13.36 4.45
CA GLN A 115 -40.85 -13.03 5.39
C GLN A 115 -39.68 -13.97 5.16
N CYS A 116 -38.47 -13.41 5.18
CA CYS A 116 -37.25 -14.16 4.92
C CYS A 116 -36.19 -13.82 5.94
N LEU A 117 -35.19 -14.70 6.06
CA LEU A 117 -34.08 -14.50 6.98
C LEU A 117 -32.86 -14.12 6.17
N ILE A 118 -32.27 -12.94 6.48
CA ILE A 118 -31.11 -12.43 5.78
C ILE A 118 -29.96 -12.38 6.78
N SER A 119 -28.79 -12.89 6.39
CA SER A 119 -27.71 -12.96 7.36
C SER A 119 -26.37 -12.59 6.74
N GLY A 120 -25.44 -12.20 7.60
CA GLY A 120 -24.09 -11.91 7.14
C GLY A 120 -23.30 -11.14 8.18
N TRP A 121 -22.01 -10.98 7.88
CA TRP A 121 -21.08 -10.25 8.70
C TRP A 121 -20.82 -8.83 8.18
N GLY A 122 -21.77 -8.26 7.46
CA GLY A 122 -21.57 -6.95 6.87
C GLY A 122 -21.70 -5.81 7.88
N ASN A 123 -21.62 -4.59 7.37
CA ASN A 123 -21.73 -3.38 8.22
C ASN A 123 -23.07 -3.34 8.98
N THR A 124 -23.05 -2.86 10.22
CA THR A 124 -24.24 -2.79 11.09
C THR A 124 -24.70 -1.34 11.30
N LYS A 125 -24.07 -0.38 10.63
CA LYS A 125 -24.38 1.06 10.84
C LYS A 125 -25.01 1.70 9.60
N SER A 126 -26.04 2.54 9.81
CA SER A 126 -26.70 3.28 8.70
C SER A 126 -25.83 4.48 8.33
N SER A 127 -25.08 5.02 9.30
CA SER A 127 -24.10 6.10 9.04
C SER A 127 -22.74 5.64 9.55
N GLY A 128 -21.73 5.67 8.68
CA GLY A 128 -20.41 5.16 9.06
C GLY A 128 -20.31 3.66 8.86
N THR A 129 -19.27 3.05 9.42
CA THR A 129 -19.09 1.58 9.28
C THR A 129 -18.75 0.90 10.61
N SER A 130 -19.28 -0.30 10.82
CA SER A 130 -18.91 -1.13 11.99
C SER A 130 -19.09 -2.58 11.55
N TYR A 131 -18.01 -3.34 11.54
CA TYR A 131 -18.06 -4.75 11.11
C TYR A 131 -18.09 -5.66 12.33
N PRO A 132 -19.16 -6.48 12.48
CA PRO A 132 -19.30 -7.34 13.65
C PRO A 132 -18.37 -8.55 13.62
N ASP A 133 -18.12 -9.12 14.80
CA ASP A 133 -17.29 -10.35 14.88
C ASP A 133 -18.23 -11.55 14.82
N VAL A 134 -19.51 -11.32 15.02
CA VAL A 134 -20.51 -12.41 15.06
C VAL A 134 -21.51 -12.28 13.90
N LEU A 135 -22.10 -13.40 13.52
CA LEU A 135 -23.10 -13.39 12.43
C LEU A 135 -24.35 -12.63 12.87
N LYS A 136 -24.81 -11.73 12.02
CA LYS A 136 -26.03 -10.95 12.33
C LYS A 136 -27.17 -11.46 11.46
N CYS A 137 -28.40 -11.33 11.96
CA CYS A 137 -29.57 -11.87 11.25
C CYS A 137 -30.63 -10.78 11.12
N LEU A 138 -31.42 -10.83 10.07
CA LEU A 138 -32.52 -9.86 9.89
C LEU A 138 -33.72 -10.55 9.24
N LYS A 139 -34.88 -10.41 9.84
CA LYS A 139 -36.11 -10.92 9.19
C LYS A 139 -36.69 -9.76 8.39
N ALA A 140 -36.98 -9.99 7.12
CA ALA A 140 -37.47 -8.90 6.24
C ALA A 140 -38.41 -9.46 5.19
N PRO A 141 -39.41 -8.69 4.77
CA PRO A 141 -40.30 -9.12 3.72
C PRO A 141 -39.84 -8.79 2.30
N ILE A 142 -40.14 -9.69 1.37
CA ILE A 142 -39.88 -9.40 -0.06
C ILE A 142 -40.84 -8.27 -0.44
N LEU A 143 -40.34 -7.31 -1.17
CA LEU A 143 -41.18 -6.16 -1.59
C LEU A 143 -41.80 -6.43 -2.97
N SER A 144 -42.90 -5.74 -3.26
CA SER A 144 -43.57 -5.84 -4.57
C SER A 144 -42.60 -5.41 -5.67
N ASP A 145 -42.82 -5.92 -6.88
CA ASP A 145 -41.99 -5.52 -8.03
C ASP A 145 -42.07 -4.01 -8.17
N SER A 146 -43.27 -3.45 -8.07
CA SER A 146 -43.49 -2.00 -8.27
C SER A 146 -42.66 -1.18 -7.27
N SER A 147 -42.72 -1.56 -5.99
CA SER A 147 -41.95 -0.84 -4.95
C SER A 147 -40.45 -0.93 -5.27
N CYS A 148 -39.99 -2.07 -5.74
CA CYS A 148 -38.56 -2.30 -6.04
C CYS A 148 -38.16 -1.43 -7.25
N LYS A 149 -38.95 -1.48 -8.32
CA LYS A 149 -38.66 -0.74 -9.57
C LYS A 149 -38.77 0.78 -9.35
N SER A 150 -39.68 1.22 -8.49
CA SER A 150 -39.82 2.67 -8.23
C SER A 150 -38.65 3.16 -7.37
N ALA A 151 -38.11 2.30 -6.50
CA ALA A 151 -36.95 2.68 -5.68
C ALA A 151 -35.70 2.77 -6.56
N TYR A 152 -35.59 1.86 -7.52
CA TYR A 152 -34.39 1.79 -8.39
C TYR A 152 -34.84 1.87 -9.85
N PRO A 153 -35.27 3.05 -10.33
CA PRO A 153 -35.79 3.17 -11.68
C PRO A 153 -34.85 2.70 -12.78
N GLY A 154 -35.33 1.81 -13.65
CA GLY A 154 -34.56 1.32 -14.80
C GLY A 154 -33.45 0.35 -14.44
N GLN A 155 -33.41 -0.13 -13.20
CA GLN A 155 -32.26 -0.98 -12.77
C GLN A 155 -32.70 -2.39 -12.36
N ILE A 156 -33.98 -2.59 -12.08
CA ILE A 156 -34.47 -3.90 -11.56
C ILE A 156 -34.81 -4.85 -12.72
N THR A 157 -34.19 -6.01 -12.74
CA THR A 157 -34.44 -7.02 -13.80
C THR A 157 -35.31 -8.15 -13.28
N SER A 158 -35.70 -9.06 -14.16
CA SER A 158 -36.51 -10.24 -13.78
C SER A 158 -35.70 -11.16 -12.86
N ASN A 159 -34.39 -10.95 -12.78
CA ASN A 159 -33.49 -11.81 -11.99
C ASN A 159 -33.14 -11.13 -10.67
N MET A 160 -33.94 -10.16 -10.26
CA MET A 160 -33.69 -9.40 -9.01
C MET A 160 -34.98 -9.19 -8.22
N PHE A 161 -34.85 -9.10 -6.90
CA PHE A 161 -36.01 -8.76 -6.05
C PHE A 161 -35.51 -7.88 -4.89
N CYS A 162 -36.36 -6.99 -4.42
CA CYS A 162 -36.00 -6.14 -3.27
C CYS A 162 -36.58 -6.76 -1.99
N ALA A 163 -35.87 -6.60 -0.89
CA ALA A 163 -36.39 -7.05 0.40
C ALA A 163 -35.98 -6.04 1.45
N GLY A 164 -36.83 -5.87 2.47
CA GLY A 164 -36.52 -4.94 3.56
C GLY A 164 -37.64 -3.99 3.88
N TYR A 165 -37.29 -2.77 4.27
CA TYR A 165 -38.31 -1.81 4.72
C TYR A 165 -38.05 -0.45 4.06
N LEU A 166 -39.06 0.05 3.35
CA LEU A 166 -38.90 1.33 2.63
C LEU A 166 -38.68 2.48 3.63
N GLU A 167 -39.03 2.27 4.90
CA GLU A 167 -38.84 3.30 5.95
C GLU A 167 -37.35 3.37 6.31
N GLY A 168 -36.59 2.32 6.01
CA GLY A 168 -35.18 2.25 6.39
C GLY A 168 -34.99 1.75 7.80
N GLY A 169 -33.75 1.58 8.23
CA GLY A 169 -33.45 1.12 9.60
C GLY A 169 -33.08 -0.35 9.65
N LYS A 170 -33.57 -1.11 8.68
CA LYS A 170 -33.29 -2.56 8.65
C LYS A 170 -32.90 -2.93 7.22
N ASP A 171 -31.70 -3.47 7.03
CA ASP A 171 -31.25 -3.72 5.66
C ASP A 171 -29.95 -4.52 5.61
N SER A 172 -29.65 -5.11 4.46
CA SER A 172 -28.31 -5.71 4.24
C SER A 172 -27.35 -4.55 3.93
N CYS A 173 -26.06 -4.79 4.00
CA CYS A 173 -25.09 -3.68 3.80
C CYS A 173 -23.73 -4.23 3.33
N GLN A 174 -22.77 -3.34 3.19
CA GLN A 174 -21.44 -3.75 2.66
C GLN A 174 -20.89 -4.91 3.50
N GLY A 175 -20.47 -5.97 2.84
CA GLY A 175 -19.93 -7.14 3.54
C GLY A 175 -20.89 -8.31 3.56
N ASP A 176 -22.18 -8.03 3.40
CA ASP A 176 -23.23 -9.08 3.40
C ASP A 176 -23.34 -9.71 2.00
N SER A 177 -22.75 -9.05 0.99
CA SER A 177 -22.83 -9.53 -0.41
C SER A 177 -22.54 -11.03 -0.53
N GLY A 178 -23.36 -11.72 -1.29
CA GLY A 178 -23.16 -13.16 -1.53
C GLY A 178 -23.90 -14.01 -0.51
N GLY A 179 -24.36 -13.37 0.56
CA GLY A 179 -25.06 -14.07 1.63
C GLY A 179 -26.43 -14.59 1.30
N PRO A 180 -26.99 -15.42 2.18
CA PRO A 180 -28.30 -16.00 1.97
C PRO A 180 -29.56 -15.21 2.32
N VAL A 181 -30.61 -15.40 1.54
CA VAL A 181 -31.96 -14.88 1.88
C VAL A 181 -32.84 -16.13 1.87
N VAL A 182 -33.21 -16.62 3.05
CA VAL A 182 -33.97 -17.90 3.14
C VAL A 182 -35.41 -17.60 3.53
N CYS A 183 -36.33 -18.09 2.71
CA CYS A 183 -37.78 -17.91 2.96
C CYS A 183 -38.43 -19.30 3.07
N SER A 184 -38.96 -19.62 4.24
CA SER A 184 -39.61 -20.94 4.47
C SER A 184 -38.65 -22.08 4.13
N GLY A 185 -37.40 -22.00 4.60
CA GLY A 185 -36.42 -23.07 4.41
C GLY A 185 -35.88 -23.21 3.00
N LYS A 186 -36.13 -22.23 2.13
CA LYS A 186 -35.61 -22.27 0.75
C LYS A 186 -34.70 -21.08 0.47
N LEU A 187 -33.57 -21.32 -0.18
CA LEU A 187 -32.66 -20.22 -0.58
C LEU A 187 -33.30 -19.48 -1.76
N GLN A 188 -34.00 -18.38 -1.48
CA GLN A 188 -34.73 -17.66 -2.55
C GLN A 188 -33.90 -16.47 -3.04
N GLY A 189 -32.92 -16.04 -2.25
CA GLY A 189 -32.15 -14.85 -2.62
C GLY A 189 -30.69 -14.86 -2.24
N ILE A 190 -29.90 -14.07 -2.95
CA ILE A 190 -28.47 -13.85 -2.61
C ILE A 190 -28.25 -12.33 -2.53
N VAL A 191 -27.69 -11.83 -1.43
CA VAL A 191 -27.36 -10.39 -1.31
C VAL A 191 -26.54 -9.96 -2.54
N SER A 192 -27.09 -9.06 -3.37
CA SER A 192 -26.43 -8.66 -4.64
C SER A 192 -25.99 -7.19 -4.60
N TRP A 193 -26.92 -6.28 -4.37
CA TRP A 193 -26.58 -4.84 -4.31
C TRP A 193 -27.57 -3.98 -3.53
N GLY A 194 -27.19 -2.74 -3.31
CA GLY A 194 -28.06 -1.75 -2.68
C GLY A 194 -27.43 -0.38 -2.83
N SER A 195 -28.09 0.67 -2.36
CA SER A 195 -27.46 2.02 -2.37
C SER A 195 -27.60 2.59 -0.96
N GLY A 196 -26.48 2.84 -0.31
CA GLY A 196 -26.54 3.29 1.08
C GLY A 196 -26.92 2.15 2.00
N CYS A 197 -26.94 2.41 3.29
CA CYS A 197 -27.23 1.30 4.22
C CYS A 197 -28.45 1.63 5.07
N ALA A 198 -29.56 0.93 4.84
CA ALA A 198 -30.79 1.09 5.63
C ALA A 198 -31.36 2.50 5.50
N GLN A 199 -31.28 3.06 4.30
CA GLN A 199 -31.86 4.40 4.06
C GLN A 199 -33.29 4.27 3.51
N LYS A 200 -34.09 5.29 3.74
CA LYS A 200 -35.47 5.32 3.25
C LYS A 200 -35.49 5.10 1.74
N ASN A 201 -36.40 4.23 1.30
CA ASN A 201 -36.70 3.97 -0.11
C ASN A 201 -35.49 3.42 -0.88
N LYS A 202 -34.51 2.87 -0.19
CA LYS A 202 -33.34 2.26 -0.82
C LYS A 202 -33.13 0.88 -0.19
N PRO A 203 -34.00 -0.06 -0.52
CA PRO A 203 -33.90 -1.40 0.06
C PRO A 203 -32.82 -2.22 -0.62
N GLY A 204 -32.40 -3.29 0.07
CA GLY A 204 -31.46 -4.23 -0.54
C GLY A 204 -32.07 -4.92 -1.76
N VAL A 205 -31.19 -5.29 -2.70
CA VAL A 205 -31.55 -6.01 -3.91
C VAL A 205 -30.86 -7.38 -3.90
N TYR A 206 -31.60 -8.41 -4.31
CA TYR A 206 -31.17 -9.80 -4.16
C TYR A 206 -31.33 -10.56 -5.47
N THR A 207 -30.38 -11.42 -5.77
CA THR A 207 -30.51 -12.29 -6.93
C THR A 207 -31.65 -13.27 -6.72
N LYS A 208 -32.48 -13.46 -7.75
CA LYS A 208 -33.68 -14.27 -7.66
C LYS A 208 -33.29 -15.71 -7.95
N VAL A 209 -32.99 -16.46 -6.87
CA VAL A 209 -32.39 -17.78 -7.04
C VAL A 209 -33.32 -18.74 -7.81
N CYS A 210 -34.64 -18.60 -7.64
CA CYS A 210 -35.58 -19.52 -8.28
C CYS A 210 -35.44 -19.53 -9.79
N ASN A 211 -34.94 -18.46 -10.40
CA ASN A 211 -34.68 -18.41 -11.83
C ASN A 211 -33.48 -19.25 -12.26
N TYR A 212 -32.63 -19.67 -11.33
CA TYR A 212 -31.35 -20.29 -11.69
C TYR A 212 -31.24 -21.74 -11.28
N VAL A 213 -32.30 -22.35 -10.73
CA VAL A 213 -32.21 -23.70 -10.20
C VAL A 213 -31.80 -24.67 -11.30
N SER A 214 -32.30 -24.47 -12.52
CA SER A 214 -31.92 -25.33 -13.63
C SER A 214 -30.43 -25.20 -13.95
N TRP A 215 -29.94 -23.96 -14.04
CA TRP A 215 -28.53 -23.76 -14.33
C TRP A 215 -27.66 -24.31 -13.20
N ILE A 216 -28.13 -24.18 -11.95
CA ILE A 216 -27.39 -24.70 -10.81
C ILE A 216 -27.28 -26.22 -10.89
N LYS A 217 -28.43 -26.89 -11.08
CA LYS A 217 -28.43 -28.35 -11.11
C LYS A 217 -27.61 -28.87 -12.28
N GLN A 218 -27.75 -28.24 -13.46
CA GLN A 218 -26.98 -28.67 -14.62
C GLN A 218 -25.49 -28.40 -14.42
N THR A 219 -25.15 -27.28 -13.76
CA THR A 219 -23.75 -26.99 -13.48
C THR A 219 -23.15 -28.02 -12.53
N ILE A 220 -23.87 -28.37 -11.47
CA ILE A 220 -23.36 -29.34 -10.50
C ILE A 220 -23.21 -30.71 -11.15
N ALA A 221 -24.14 -31.07 -12.04
CA ALA A 221 -24.11 -32.38 -12.68
C ALA A 221 -22.94 -32.52 -13.63
N SER A 222 -22.48 -31.43 -14.23
CA SER A 222 -21.38 -31.50 -15.18
C SER A 222 -20.05 -31.03 -14.59
N ASN A 223 -19.92 -31.04 -13.26
CA ASN A 223 -18.68 -30.62 -12.62
C ASN A 223 -18.39 -31.45 -11.38
N LYS B 1 -22.54 29.79 -8.58
CA LYS B 1 -23.80 29.90 -7.80
C LYS B 1 -24.62 28.61 -7.96
N ASN B 2 -24.01 27.53 -8.47
CA ASN B 2 -24.76 26.29 -8.54
C ASN B 2 -24.82 25.64 -7.17
N GLU B 3 -25.78 24.73 -7.03
CA GLU B 3 -25.94 23.99 -5.76
C GLU B 3 -24.67 23.19 -5.46
N PRO B 4 -24.28 23.08 -4.17
CA PRO B 4 -23.07 22.33 -3.81
C PRO B 4 -23.23 20.84 -4.04
N VAL B 5 -22.08 20.18 -4.22
CA VAL B 5 -22.02 18.72 -4.08
C VAL B 5 -21.90 18.41 -2.59
N LEU B 6 -22.56 17.35 -2.16
CA LEU B 6 -22.63 16.98 -0.75
C LEU B 6 -21.98 15.64 -0.53
N ASP B 7 -21.34 15.47 0.63
CA ASP B 7 -20.79 14.17 0.98
C ASP B 7 -21.89 13.33 1.62
N THR B 8 -21.56 12.11 2.05
CA THR B 8 -22.56 11.21 2.61
C THR B 8 -23.10 11.65 3.96
N ASP B 9 -22.51 12.68 4.59
CA ASP B 9 -23.06 13.27 5.80
C ASP B 9 -23.98 14.44 5.49
N GLY B 10 -24.18 14.76 4.22
CA GLY B 10 -24.95 15.91 3.83
C GLY B 10 -24.21 17.21 3.89
N ASP B 11 -22.91 17.21 4.18
CA ASP B 11 -22.12 18.43 4.24
C ASP B 11 -21.62 18.78 2.85
N GLU B 12 -21.51 20.08 2.58
CA GLU B 12 -21.00 20.53 1.29
C GLU B 12 -19.54 20.11 1.13
N LEU B 13 -19.20 19.68 -0.09
CA LEU B 13 -17.81 19.30 -0.38
C LEU B 13 -16.91 20.53 -0.37
N ARG B 14 -15.73 20.37 0.22
CA ARG B 14 -14.77 21.47 0.35
C ARG B 14 -13.62 21.26 -0.62
N ALA B 15 -13.34 22.27 -1.44
CA ALA B 15 -12.13 22.24 -2.25
C ALA B 15 -10.93 22.01 -1.36
N GLY B 16 -10.01 21.16 -1.81
CA GLY B 16 -8.78 20.93 -1.11
C GLY B 16 -8.84 19.85 -0.04
N GLU B 17 -10.03 19.38 0.31
CA GLU B 17 -10.22 18.38 1.35
C GLU B 17 -10.29 16.99 0.72
N GLN B 18 -9.91 15.98 1.49
CA GLN B 18 -9.78 14.64 0.93
C GLN B 18 -11.09 13.86 1.05
N TYR B 19 -11.51 13.24 -0.05
CA TYR B 19 -12.71 12.43 -0.06
C TYR B 19 -12.44 11.12 -0.78
N TYR B 20 -13.04 10.05 -0.27
CA TYR B 20 -13.14 8.83 -1.06
C TYR B 20 -14.30 8.96 -2.02
N VAL B 21 -14.10 8.49 -3.24
CA VAL B 21 -15.13 8.42 -4.26
C VAL B 21 -15.56 6.96 -4.32
N VAL B 22 -16.74 6.66 -3.79
CA VAL B 22 -17.20 5.28 -3.63
C VAL B 22 -18.46 5.09 -4.46
N SER B 23 -18.58 3.95 -5.15
CA SER B 23 -19.80 3.66 -5.90
C SER B 23 -21.02 3.87 -4.99
N ALA B 24 -22.02 4.58 -5.51
CA ALA B 24 -23.29 4.71 -4.82
C ALA B 24 -24.01 3.37 -4.67
N ILE B 25 -23.65 2.39 -5.48
CA ILE B 25 -24.23 1.05 -5.41
C ILE B 25 -23.19 0.09 -4.86
N TRP B 26 -23.50 -0.57 -3.75
CA TRP B 26 -22.52 -1.46 -3.13
C TRP B 26 -22.72 -2.86 -3.70
N GLY B 27 -22.02 -3.85 -3.14
CA GLY B 27 -22.12 -5.22 -3.60
C GLY B 27 -21.68 -5.39 -5.04
N ALA B 28 -22.62 -5.73 -5.92
CA ALA B 28 -22.31 -5.83 -7.34
C ALA B 28 -21.89 -4.49 -7.93
N GLY B 29 -22.18 -3.38 -7.25
CA GLY B 29 -21.74 -2.08 -7.75
C GLY B 29 -20.31 -1.71 -7.42
N GLY B 30 -19.62 -2.54 -6.64
CA GLY B 30 -18.20 -2.32 -6.36
C GLY B 30 -17.94 -1.37 -5.21
N GLY B 31 -16.66 -1.01 -5.07
CA GLY B 31 -16.24 -0.07 -4.06
C GLY B 31 -15.80 1.30 -4.57
N GLY B 32 -14.67 1.80 -4.06
CA GLY B 32 -14.21 3.13 -4.40
C GLY B 32 -13.17 3.14 -5.53
N LEU B 33 -12.85 4.34 -5.98
CA LEU B 33 -11.89 4.52 -7.06
C LEU B 33 -10.48 4.57 -6.48
N ALA B 34 -9.51 4.15 -7.29
CA ALA B 34 -8.14 4.06 -6.80
C ALA B 34 -7.18 4.31 -7.96
N LEU B 35 -5.95 4.64 -7.62
CA LEU B 35 -4.88 4.62 -8.60
C LEU B 35 -4.56 3.18 -8.97
N GLY B 36 -4.51 2.90 -10.26
CA GLY B 36 -4.15 1.58 -10.72
C GLY B 36 -3.15 1.62 -11.86
N ARG B 37 -2.85 0.47 -12.44
CA ARG B 37 -2.01 0.47 -13.63
C ARG B 37 -2.46 -0.64 -14.55
N LEU B 38 -2.04 -0.56 -15.81
CA LEU B 38 -2.27 -1.61 -16.77
C LEU B 38 -1.15 -2.64 -16.71
N THR B 39 -1.43 -3.82 -17.29
CA THR B 39 -0.43 -4.88 -17.32
C THR B 39 0.81 -4.44 -18.10
N ASP B 40 0.61 -3.75 -19.22
CA ASP B 40 1.68 -3.41 -20.16
C ASP B 40 2.07 -1.95 -20.09
N GLN B 41 1.71 -1.24 -19.01
CA GLN B 41 2.06 0.17 -18.90
C GLN B 41 2.18 0.50 -17.42
N LYS B 42 3.37 0.90 -17.01
CA LYS B 42 3.59 1.25 -15.61
C LYS B 42 3.18 2.68 -15.35
N CYS B 43 3.47 3.59 -16.27
CA CYS B 43 3.15 5.00 -16.10
C CYS B 43 2.62 5.53 -17.42
N PRO B 44 1.67 6.48 -17.37
CA PRO B 44 1.05 7.00 -16.15
C PRO B 44 0.10 5.99 -15.53
N GLU B 45 -0.30 6.21 -14.28
CA GLU B 45 -1.29 5.35 -13.66
C GLU B 45 -2.67 5.65 -14.22
N ILE B 46 -3.57 4.67 -14.11
CA ILE B 46 -4.94 4.81 -14.58
C ILE B 46 -5.88 4.89 -13.39
N VAL B 47 -7.12 5.27 -13.66
CA VAL B 47 -8.18 5.28 -12.65
C VAL B 47 -8.89 3.95 -12.71
N VAL B 48 -8.97 3.25 -11.58
CA VAL B 48 -9.66 1.98 -11.53
C VAL B 48 -10.63 2.01 -10.37
N GLN B 49 -11.57 1.07 -10.39
CA GLN B 49 -12.52 0.91 -9.31
C GLN B 49 -12.23 -0.37 -8.55
N ARG B 50 -12.22 -0.29 -7.22
CA ARG B 50 -12.10 -1.49 -6.40
C ARG B 50 -13.36 -2.33 -6.54
N ARG B 51 -13.16 -3.65 -6.63
CA ARG B 51 -14.29 -4.56 -6.78
C ARG B 51 -15.10 -4.70 -5.50
N SER B 52 -14.47 -4.55 -4.34
CA SER B 52 -15.12 -4.84 -3.07
C SER B 52 -15.68 -3.56 -2.47
N ASP B 53 -16.96 -3.59 -2.10
CA ASP B 53 -17.57 -2.45 -1.42
C ASP B 53 -17.00 -2.21 -0.01
N LEU B 54 -16.06 -3.04 0.46
CA LEU B 54 -15.33 -2.80 1.69
C LEU B 54 -14.12 -1.90 1.47
N ASP B 55 -13.74 -1.65 0.22
CA ASP B 55 -12.49 -0.99 -0.14
C ASP B 55 -12.83 0.34 -0.82
N TYR B 56 -12.54 1.44 -0.12
CA TYR B 56 -12.91 2.76 -0.60
C TYR B 56 -11.89 3.35 -1.56
N GLY B 57 -10.75 2.68 -1.76
CA GLY B 57 -9.80 3.12 -2.77
C GLY B 57 -8.80 4.15 -2.31
N THR B 58 -8.47 5.10 -3.19
CA THR B 58 -7.52 6.17 -2.94
C THR B 58 -8.27 7.48 -2.76
N PRO B 59 -7.98 8.28 -1.72
CA PRO B 59 -8.66 9.57 -1.59
C PRO B 59 -8.31 10.52 -2.73
N VAL B 60 -9.24 11.43 -3.04
CA VAL B 60 -9.03 12.46 -4.03
C VAL B 60 -9.23 13.82 -3.38
N VAL B 61 -8.61 14.82 -3.99
CA VAL B 61 -8.89 16.22 -3.70
C VAL B 61 -9.43 16.86 -4.97
N PHE B 62 -10.34 17.80 -4.78
CA PHE B 62 -10.94 18.56 -5.87
C PHE B 62 -10.38 19.98 -5.85
N TYR B 63 -10.09 20.51 -7.03
CA TYR B 63 -9.61 21.88 -7.18
C TYR B 63 -10.60 22.62 -8.05
N ASN B 64 -11.11 23.74 -7.55
CA ASN B 64 -12.09 24.51 -8.29
C ASN B 64 -11.42 25.29 -9.41
N LEU B 65 -12.24 25.73 -10.35
CA LEU B 65 -11.74 26.62 -11.39
C LEU B 65 -11.30 27.94 -10.76
N ASP B 66 -12.19 28.52 -9.97
CA ASP B 66 -11.89 29.74 -9.22
C ASP B 66 -11.31 29.34 -7.86
N THR B 67 -10.02 29.62 -7.67
CA THR B 67 -9.32 29.34 -6.44
C THR B 67 -9.94 30.03 -5.22
N LYS B 68 -10.88 30.96 -5.41
CA LYS B 68 -11.46 31.71 -4.30
C LYS B 68 -12.64 30.99 -3.64
N ASP B 69 -13.53 30.37 -4.43
CA ASP B 69 -14.59 29.55 -3.84
C ASP B 69 -13.99 28.28 -3.28
N ASP B 70 -14.34 27.96 -2.04
CA ASP B 70 -13.86 26.75 -1.38
C ASP B 70 -14.90 25.64 -1.35
N ILE B 71 -16.07 25.83 -1.98
CA ILE B 71 -17.12 24.83 -2.01
C ILE B 71 -17.16 24.23 -3.41
N VAL B 72 -17.25 22.90 -3.48
CA VAL B 72 -17.37 22.18 -4.74
C VAL B 72 -18.84 22.14 -5.13
N ARG B 73 -19.16 22.65 -6.31
CA ARG B 73 -20.53 22.81 -6.74
C ARG B 73 -20.82 21.95 -7.96
N ARG B 74 -22.09 21.60 -8.11
CA ARG B 74 -22.55 20.80 -9.24
C ARG B 74 -22.34 21.52 -10.56
N SER B 75 -22.03 20.73 -11.59
CA SER B 75 -22.03 21.21 -12.96
C SER B 75 -21.04 22.37 -13.16
N THR B 76 -19.90 22.31 -12.49
CA THR B 76 -18.85 23.31 -12.67
C THR B 76 -17.53 22.58 -12.88
N ASP B 77 -16.71 23.10 -13.80
CA ASP B 77 -15.47 22.42 -14.15
C ASP B 77 -14.49 22.41 -12.98
N LEU B 78 -13.82 21.27 -12.79
CA LEU B 78 -12.98 20.97 -11.64
C LEU B 78 -11.80 20.13 -12.09
N ASN B 79 -10.71 20.20 -11.34
CA ASN B 79 -9.68 19.16 -11.44
C ASN B 79 -9.86 18.15 -10.30
N ILE B 80 -9.46 16.91 -10.56
CA ILE B 80 -9.59 15.81 -9.61
C ILE B 80 -8.22 15.15 -9.49
N GLN B 81 -7.72 15.04 -8.26
CA GLN B 81 -6.38 14.49 -8.03
C GLN B 81 -6.42 13.41 -6.95
N PHE B 82 -5.92 12.23 -7.29
CA PHE B 82 -5.69 11.20 -6.29
C PHE B 82 -4.57 11.62 -5.35
N VAL B 83 -4.79 11.42 -4.06
CA VAL B 83 -3.76 11.73 -3.07
C VAL B 83 -3.30 10.40 -2.47
N PRO B 84 -2.36 9.70 -3.09
CA PRO B 84 -1.99 8.37 -2.59
C PRO B 84 -1.24 8.47 -1.28
N ILE B 85 -1.33 7.40 -0.50
CA ILE B 85 -0.50 7.30 0.70
C ILE B 85 0.82 6.60 0.39
N ARG B 86 0.81 5.63 -0.51
CA ARG B 86 1.97 4.83 -0.86
C ARG B 86 3.10 5.66 -1.47
N ASP B 87 4.22 4.99 -1.74
CA ASP B 87 5.32 5.61 -2.49
C ASP B 87 4.86 5.99 -3.90
N ARG B 88 5.51 7.02 -4.47
CA ARG B 88 5.17 7.50 -5.79
C ARG B 88 5.97 6.71 -6.83
N LEU B 89 5.30 5.79 -7.51
CA LEU B 89 5.95 4.91 -8.48
C LEU B 89 6.28 5.62 -9.78
N CYS B 90 5.64 6.74 -10.09
CA CYS B 90 5.72 7.37 -11.39
C CYS B 90 6.12 8.83 -11.28
N LEU B 91 6.56 9.38 -12.40
CA LEU B 91 6.84 10.81 -12.48
C LEU B 91 5.68 11.61 -13.04
N THR B 92 4.73 10.92 -13.68
CA THR B 92 3.52 11.57 -14.13
C THR B 92 2.65 11.95 -12.93
N SER B 93 1.70 12.86 -13.17
CA SER B 93 0.85 13.29 -12.08
C SER B 93 -0.26 12.28 -11.82
N THR B 94 -0.91 12.44 -10.67
CA THR B 94 -2.07 11.65 -10.28
C THR B 94 -3.37 12.40 -10.53
N VAL B 95 -3.33 13.45 -11.35
CA VAL B 95 -4.51 14.23 -11.72
C VAL B 95 -5.24 13.51 -12.85
N TRP B 96 -6.57 13.41 -12.71
CA TRP B 96 -7.39 12.80 -13.76
C TRP B 96 -7.35 13.64 -15.02
N LYS B 97 -7.49 12.94 -16.15
CA LYS B 97 -7.68 13.58 -17.45
C LYS B 97 -8.19 12.52 -18.41
N ILE B 98 -8.83 12.97 -19.48
CA ILE B 98 -9.32 12.08 -20.53
C ILE B 98 -8.19 11.74 -21.47
N ASP B 99 -8.05 10.46 -21.77
CA ASP B 99 -7.01 9.98 -22.66
C ASP B 99 -7.35 10.30 -24.12
N ASP B 100 -6.39 10.07 -25.00
CA ASP B 100 -6.67 10.02 -26.43
C ASP B 100 -7.50 8.79 -26.72
N TYR B 101 -8.21 8.80 -27.85
CA TYR B 101 -9.09 7.69 -28.19
C TYR B 101 -8.33 6.36 -28.27
N ASP B 102 -8.87 5.32 -27.65
CA ASP B 102 -8.24 4.00 -27.63
C ASP B 102 -8.84 3.17 -28.75
N THR B 103 -8.11 3.00 -29.86
CA THR B 103 -8.63 2.23 -30.97
C THR B 103 -8.81 0.75 -30.64
N SER B 104 -8.11 0.24 -29.62
CA SER B 104 -8.28 -1.18 -29.33
C SER B 104 -9.60 -1.49 -28.65
N THR B 105 -10.22 -0.50 -28.01
CA THR B 105 -11.45 -0.73 -27.26
C THR B 105 -12.62 0.14 -27.67
N GLY B 106 -12.40 1.18 -28.48
CA GLY B 106 -13.44 2.15 -28.75
C GLY B 106 -13.76 3.08 -27.60
N LYS B 107 -12.89 3.15 -26.59
CA LYS B 107 -13.14 3.94 -25.39
C LYS B 107 -12.27 5.19 -25.33
N TRP B 108 -12.84 6.25 -24.75
CA TRP B 108 -12.09 7.39 -24.25
C TRP B 108 -11.91 7.21 -22.75
N TRP B 109 -10.74 6.75 -22.32
CA TRP B 109 -10.54 6.35 -20.92
C TRP B 109 -10.27 7.57 -20.02
N VAL B 110 -10.60 7.41 -18.75
CA VAL B 110 -10.08 8.32 -17.74
C VAL B 110 -8.71 7.81 -17.31
N THR B 111 -7.69 8.64 -17.48
CA THR B 111 -6.35 8.24 -17.08
C THR B 111 -5.84 9.30 -16.11
N THR B 112 -4.52 9.27 -15.84
CA THR B 112 -3.95 10.36 -15.06
C THR B 112 -2.93 11.15 -15.87
N ASP B 113 -1.96 11.77 -15.20
CA ASP B 113 -1.05 12.74 -15.81
C ASP B 113 -1.78 14.00 -16.28
N GLY B 114 -2.92 14.30 -15.67
CA GLY B 114 -3.60 15.55 -15.91
C GLY B 114 -2.82 16.72 -15.31
N VAL B 115 -3.41 17.91 -15.44
CA VAL B 115 -2.86 19.16 -14.96
C VAL B 115 -3.86 19.82 -14.01
N ILE B 116 -3.35 20.50 -12.99
CA ILE B 116 -4.16 21.30 -12.08
C ILE B 116 -4.13 22.76 -12.53
N GLY B 117 -5.31 23.36 -12.70
CA GLY B 117 -5.38 24.79 -12.97
C GLY B 117 -5.09 25.16 -14.41
N ASN B 118 -4.81 26.45 -14.60
CA ASN B 118 -4.55 27.02 -15.92
C ASN B 118 -5.65 26.63 -16.92
N PRO B 119 -6.90 26.96 -16.63
CA PRO B 119 -7.99 26.58 -17.53
C PRO B 119 -7.76 27.22 -18.89
N SER B 120 -7.68 26.37 -19.92
CA SER B 120 -7.18 26.81 -21.21
C SER B 120 -7.36 25.68 -22.21
N PRO B 121 -7.19 25.93 -23.51
CA PRO B 121 -7.11 24.79 -24.45
C PRO B 121 -6.02 23.80 -24.07
N GLN B 122 -4.93 24.26 -23.48
CA GLN B 122 -3.85 23.34 -23.11
C GLN B 122 -4.28 22.35 -22.04
N THR B 123 -5.19 22.73 -21.14
CA THR B 123 -5.57 21.85 -20.03
C THR B 123 -6.98 21.27 -20.16
N LEU B 124 -7.64 21.48 -21.30
CA LEU B 124 -9.01 21.04 -21.56
C LEU B 124 -9.33 19.64 -21.03
N GLN B 125 -8.42 18.68 -21.24
CA GLN B 125 -8.71 17.30 -20.88
C GLN B 125 -8.72 17.05 -19.38
N SER B 126 -8.33 18.04 -18.57
CA SER B 126 -8.20 17.84 -17.12
C SER B 126 -9.42 18.36 -16.33
N TRP B 127 -10.48 18.78 -17.00
CA TRP B 127 -11.61 19.44 -16.34
C TRP B 127 -12.83 18.54 -16.39
N PHE B 128 -13.40 18.24 -15.21
CA PHE B 128 -14.54 17.37 -15.06
C PHE B 128 -15.65 18.10 -14.32
N LYS B 129 -16.88 17.68 -14.55
CA LYS B 129 -18.02 18.17 -13.80
C LYS B 129 -18.62 17.06 -12.95
N ILE B 130 -19.20 17.43 -11.81
CA ILE B 130 -19.97 16.53 -10.97
C ILE B 130 -21.42 16.96 -11.04
N GLU B 131 -22.30 16.00 -11.29
CA GLU B 131 -23.71 16.29 -11.51
C GLU B 131 -24.54 15.28 -10.74
N LYS B 132 -25.75 15.67 -10.35
CA LYS B 132 -26.66 14.76 -9.68
C LYS B 132 -26.94 13.53 -10.54
N SER B 133 -27.03 12.37 -9.91
CA SER B 133 -27.38 11.12 -10.59
C SER B 133 -28.57 10.52 -9.84
N GLY B 134 -29.77 10.84 -10.31
CA GLY B 134 -30.97 10.35 -9.64
C GLY B 134 -30.98 10.74 -8.17
N ASN B 135 -31.60 9.90 -7.35
CA ASN B 135 -31.50 10.07 -5.91
C ASN B 135 -30.38 9.20 -5.32
N LEU B 136 -29.55 8.59 -6.16
CA LEU B 136 -28.54 7.67 -5.66
C LEU B 136 -27.24 8.35 -5.26
N GLY B 137 -26.90 9.44 -5.93
CA GLY B 137 -25.64 10.12 -5.67
C GLY B 137 -25.27 11.06 -6.80
N TYR B 138 -24.02 10.99 -7.26
CA TYR B 138 -23.53 11.87 -8.31
C TYR B 138 -22.85 11.06 -9.40
N LYS B 139 -22.68 11.70 -10.56
CA LYS B 139 -21.94 11.14 -11.67
C LYS B 139 -20.89 12.15 -12.11
N PHE B 140 -19.82 11.65 -12.68
CA PHE B 140 -18.85 12.53 -13.34
C PHE B 140 -19.29 12.75 -14.78
N ASN B 141 -19.05 13.97 -15.26
CA ASN B 141 -19.36 14.34 -16.63
C ASN B 141 -18.15 15.07 -17.19
N PHE B 142 -17.70 14.68 -18.37
CA PHE B 142 -16.62 15.40 -19.05
C PHE B 142 -17.24 16.26 -20.14
N CYS B 143 -17.30 17.59 -19.89
CA CYS B 143 -17.83 18.51 -20.89
C CYS B 143 -17.23 19.90 -20.65
N PRO B 144 -15.93 20.08 -20.83
CA PRO B 144 -15.30 21.30 -20.31
C PRO B 144 -15.82 22.55 -21.03
N SER B 145 -16.03 23.61 -20.27
CA SER B 145 -16.38 24.92 -20.80
C SER B 145 -15.22 25.91 -20.74
N VAL B 146 -14.01 25.45 -20.40
CA VAL B 146 -12.94 26.41 -20.17
C VAL B 146 -12.41 27.02 -21.45
N CYS B 147 -12.85 26.56 -22.61
CA CYS B 147 -12.42 27.13 -23.89
C CYS B 147 -13.66 27.16 -24.78
N GLU B 148 -14.33 28.31 -24.82
CA GLU B 148 -15.60 28.42 -25.53
C GLU B 148 -15.48 28.09 -27.00
N SER B 149 -14.30 28.30 -27.60
CA SER B 149 -14.12 28.01 -29.02
C SER B 149 -13.54 26.62 -29.31
N CYS B 150 -13.27 25.81 -28.30
CA CYS B 150 -12.70 24.49 -28.54
C CYS B 150 -13.84 23.50 -28.76
N VAL B 151 -13.72 22.69 -29.81
CA VAL B 151 -14.56 21.50 -29.96
C VAL B 151 -14.19 20.51 -28.89
N THR B 152 -15.19 19.96 -28.18
CA THR B 152 -14.85 19.02 -27.12
C THR B 152 -15.89 17.90 -27.05
N LEU B 153 -15.43 16.71 -26.65
CA LEU B 153 -16.38 15.71 -26.21
C LEU B 153 -17.19 16.25 -25.03
N CYS B 154 -18.40 15.74 -24.88
CA CYS B 154 -19.36 16.19 -23.86
C CYS B 154 -20.20 14.97 -23.46
N ASN B 155 -19.74 14.25 -22.43
CA ASN B 155 -20.29 12.92 -22.15
C ASN B 155 -20.17 12.59 -20.67
N ASP B 156 -21.20 11.91 -20.17
CA ASP B 156 -21.16 11.24 -18.88
C ASP B 156 -20.07 10.17 -18.86
N ILE B 157 -19.64 9.82 -17.65
CA ILE B 157 -18.60 8.83 -17.43
C ILE B 157 -19.21 7.60 -16.78
N GLY B 158 -18.94 6.43 -17.35
CA GLY B 158 -19.39 5.17 -16.80
C GLY B 158 -18.20 4.30 -16.46
N ARG B 159 -18.50 3.08 -15.99
CA ARG B 159 -17.47 2.11 -15.68
C ARG B 159 -17.54 0.96 -16.67
N TYR B 160 -16.36 0.46 -17.06
CA TYR B 160 -16.25 -0.59 -18.07
C TYR B 160 -15.04 -1.46 -17.76
N GLY B 161 -15.17 -2.76 -18.06
CA GLY B 161 -14.06 -3.66 -17.85
C GLY B 161 -12.98 -3.51 -18.91
N HIS B 162 -11.74 -3.75 -18.49
CA HIS B 162 -10.59 -3.64 -19.37
C HIS B 162 -9.38 -4.25 -18.66
N ASP B 163 -8.66 -5.15 -19.34
CA ASP B 163 -7.38 -5.62 -18.80
C ASP B 163 -7.58 -6.33 -17.46
N GLY B 164 -8.72 -7.00 -17.31
CA GLY B 164 -9.09 -7.65 -16.07
C GLY B 164 -9.49 -6.71 -14.94
N GLN B 165 -9.66 -5.42 -15.20
CA GLN B 165 -9.95 -4.44 -14.16
C GLN B 165 -11.20 -3.66 -14.53
N ILE B 166 -11.67 -2.85 -13.58
CA ILE B 166 -12.78 -1.94 -13.83
C ILE B 166 -12.22 -0.52 -13.96
N ARG B 167 -12.45 0.09 -15.11
CA ARG B 167 -11.97 1.43 -15.45
C ARG B 167 -13.15 2.36 -15.66
N LEU B 168 -12.86 3.65 -15.85
CA LEU B 168 -13.86 4.64 -16.17
C LEU B 168 -13.61 5.20 -17.57
N ALA B 169 -14.69 5.51 -18.29
CA ALA B 169 -14.61 6.05 -19.63
C ALA B 169 -15.87 6.83 -19.92
N LEU B 170 -15.79 7.68 -20.94
CA LEU B 170 -16.98 8.31 -21.51
C LEU B 170 -17.94 7.24 -21.98
N GLY B 171 -19.22 7.46 -21.74
CA GLY B 171 -20.22 6.50 -22.17
C GLY B 171 -21.61 7.06 -21.97
N GLU B 172 -22.59 6.30 -22.40
CA GLU B 172 -23.95 6.79 -22.33
C GLU B 172 -24.61 6.53 -20.99
N ASN B 173 -24.17 5.52 -20.24
CA ASN B 173 -24.76 5.19 -18.93
C ASN B 173 -23.77 5.54 -17.81
N ALA B 174 -24.02 6.66 -17.14
CA ALA B 174 -23.15 7.10 -16.05
C ALA B 174 -23.15 6.09 -14.90
N TRP B 175 -22.00 6.01 -14.21
CA TRP B 175 -21.98 5.23 -12.97
C TRP B 175 -22.11 6.18 -11.80
N PRO B 176 -22.97 5.89 -10.81
CA PRO B 176 -23.18 6.84 -9.71
C PRO B 176 -22.22 6.62 -8.57
N PHE B 177 -21.79 7.74 -7.97
CA PHE B 177 -20.82 7.73 -6.89
C PHE B 177 -21.30 8.60 -5.73
N VAL B 178 -20.77 8.31 -4.54
CA VAL B 178 -20.90 9.18 -3.38
C VAL B 178 -19.52 9.55 -2.89
N PHE B 179 -19.45 10.61 -2.09
CA PHE B 179 -18.19 11.12 -1.55
C PHE B 179 -18.19 10.95 -0.04
N LYS B 180 -17.15 10.31 0.48
CA LYS B 180 -17.00 10.10 1.91
C LYS B 180 -15.76 10.83 2.40
N LYS B 181 -15.91 11.61 3.48
CA LYS B 181 -14.76 12.26 4.09
C LYS B 181 -13.70 11.23 4.39
N ALA B 182 -12.47 11.50 4.00
CA ALA B 182 -11.41 10.53 4.23
C ALA B 182 -11.09 10.46 5.73
N SER B 183 -11.27 9.28 6.30
CA SER B 183 -10.94 8.91 7.68
C SER B 183 -11.05 10.04 8.70
N ILE C 1 27.44 13.37 13.29
CA ILE C 1 28.90 13.33 13.26
C ILE C 1 29.45 12.84 14.60
N VAL C 2 30.29 11.81 14.57
CA VAL C 2 30.91 11.24 15.76
C VAL C 2 32.37 11.68 15.79
N GLY C 3 32.84 12.09 16.97
CA GLY C 3 34.22 12.53 17.12
C GLY C 3 34.56 13.83 16.43
N GLY C 4 33.58 14.67 16.13
CA GLY C 4 33.79 15.93 15.45
C GLY C 4 33.84 17.10 16.41
N TYR C 5 33.55 18.29 15.89
CA TYR C 5 33.55 19.52 16.68
C TYR C 5 32.41 20.41 16.24
N THR C 6 32.04 21.33 17.13
CA THR C 6 31.01 22.32 16.80
C THR C 6 31.53 23.24 15.71
N CYS C 7 30.81 23.29 14.58
CA CYS C 7 31.29 24.10 13.46
C CYS C 7 31.39 25.57 13.84
N GLY C 8 30.41 26.06 14.58
CA GLY C 8 30.23 27.49 14.71
C GLY C 8 29.31 28.06 13.64
N ALA C 9 28.59 29.12 14.01
CA ALA C 9 27.66 29.73 13.05
C ALA C 9 28.44 30.41 11.92
N ASN C 10 27.83 30.42 10.74
CA ASN C 10 28.32 31.04 9.50
C ASN C 10 29.45 30.23 8.84
N THR C 11 30.02 29.22 9.50
CA THR C 11 31.21 28.57 8.94
C THR C 11 30.86 27.52 7.88
N VAL C 12 29.61 27.06 7.80
CA VAL C 12 29.19 26.14 6.75
C VAL C 12 27.92 26.69 6.11
N PRO C 13 28.01 27.80 5.37
CA PRO C 13 26.78 28.48 4.91
C PRO C 13 26.06 27.75 3.79
N TYR C 14 26.70 26.75 3.18
CA TYR C 14 26.05 25.94 2.16
C TYR C 14 25.28 24.76 2.74
N GLN C 15 25.41 24.51 4.03
CA GLN C 15 24.68 23.41 4.66
C GLN C 15 23.20 23.78 4.78
N VAL C 16 22.33 22.87 4.33
CA VAL C 16 20.91 23.00 4.53
C VAL C 16 20.44 21.69 5.16
N SER C 17 19.18 21.67 5.59
CA SER C 17 18.56 20.45 6.03
C SER C 17 17.18 20.35 5.40
N LEU C 18 16.65 19.14 5.37
CA LEU C 18 15.41 18.81 4.66
C LEU C 18 14.54 17.96 5.57
N ASN C 19 13.25 18.31 5.66
CA ASN C 19 12.24 17.47 6.31
C ASN C 19 12.51 17.19 7.79
N SER C 20 11.84 16.20 8.38
CA SER C 20 11.91 16.03 9.83
C SER C 20 11.64 14.58 10.23
N GLY C 21 11.88 14.29 11.50
CA GLY C 21 11.62 12.96 12.04
C GLY C 21 12.42 11.88 11.33
N TYR C 22 11.73 10.80 10.96
CA TYR C 22 12.33 9.70 10.22
C TYR C 22 12.87 10.13 8.85
N HIS C 23 12.53 11.33 8.38
CA HIS C 23 12.90 11.79 7.03
C HIS C 23 13.94 12.90 7.05
N PHE C 24 14.48 13.25 8.22
CA PHE C 24 15.43 14.35 8.29
C PHE C 24 16.71 14.03 7.53
N CYS C 25 17.21 15.01 6.77
CA CYS C 25 18.43 14.82 6.00
C CYS C 25 19.16 16.15 5.85
N GLY C 26 20.47 16.06 5.60
CA GLY C 26 21.22 17.22 5.19
C GLY C 26 21.21 17.41 3.68
N GLY C 27 21.76 18.54 3.25
CA GLY C 27 21.97 18.82 1.84
C GLY C 27 22.95 19.96 1.70
N SER C 28 23.17 20.37 0.44
CA SER C 28 24.11 21.44 0.12
C SER C 28 23.49 22.36 -0.92
N LEU C 29 23.51 23.66 -0.65
CA LEU C 29 23.04 24.66 -1.61
C LEU C 29 24.09 24.82 -2.70
N ILE C 30 23.72 24.62 -3.97
CA ILE C 30 24.69 24.73 -5.05
C ILE C 30 24.43 25.94 -5.94
N ASN C 31 23.26 26.56 -5.85
CA ASN C 31 23.04 27.91 -6.34
C ASN C 31 21.83 28.45 -5.58
N SER C 32 21.35 29.63 -5.94
CA SER C 32 20.33 30.29 -5.15
C SER C 32 19.00 29.57 -5.16
N GLN C 33 18.79 28.59 -6.06
CA GLN C 33 17.51 27.90 -6.08
C GLN C 33 17.63 26.38 -6.10
N TRP C 34 18.83 25.82 -5.95
CA TRP C 34 18.98 24.38 -6.09
C TRP C 34 19.81 23.80 -4.95
N VAL C 35 19.39 22.62 -4.52
CA VAL C 35 20.02 21.89 -3.42
C VAL C 35 20.37 20.49 -3.90
N VAL C 36 21.59 20.04 -3.62
CA VAL C 36 21.97 18.65 -3.82
C VAL C 36 21.89 17.92 -2.50
N SER C 37 21.33 16.71 -2.54
CA SER C 37 21.23 15.83 -1.39
C SER C 37 21.32 14.38 -1.88
N ALA C 38 21.04 13.42 -1.00
CA ALA C 38 21.06 12.02 -1.38
C ALA C 38 19.70 11.61 -1.91
N ALA C 39 19.70 10.75 -2.93
CA ALA C 39 18.43 10.23 -3.43
C ALA C 39 17.68 9.45 -2.36
N HIS C 40 18.39 8.80 -1.43
CA HIS C 40 17.64 8.02 -0.45
C HIS C 40 16.89 8.91 0.55
N CYS C 41 17.14 10.23 0.54
CA CYS C 41 16.36 11.18 1.32
C CYS C 41 15.09 11.63 0.62
N TYR C 42 14.77 11.12 -0.57
CA TYR C 42 13.62 11.60 -1.31
C TYR C 42 12.33 11.39 -0.53
N LYS C 43 11.44 12.38 -0.60
CA LYS C 43 10.09 12.33 -0.06
C LYS C 43 9.27 13.35 -0.82
N SER C 44 7.97 13.10 -0.96
CA SER C 44 7.13 14.16 -1.53
C SER C 44 7.02 15.30 -0.52
N GLY C 45 6.83 16.51 -1.06
CA GLY C 45 6.66 17.69 -0.22
C GLY C 45 7.80 18.00 0.71
N ILE C 46 9.01 18.11 0.14
CA ILE C 46 10.20 18.39 0.95
C ILE C 46 10.21 19.85 1.39
N GLN C 47 10.60 20.08 2.64
CA GLN C 47 10.78 21.41 3.21
C GLN C 47 12.25 21.63 3.50
N VAL C 48 12.80 22.73 3.00
CA VAL C 48 14.23 23.02 3.11
C VAL C 48 14.43 24.14 4.11
N ARG C 49 15.40 23.96 5.00
CA ARG C 49 15.84 25.01 5.92
C ARG C 49 17.26 25.43 5.55
N LEU C 50 17.50 26.73 5.54
CA LEU C 50 18.79 27.30 5.17
C LEU C 50 19.23 28.23 6.27
N GLY C 51 20.55 28.41 6.39
CA GLY C 51 21.07 29.31 7.39
C GLY C 51 20.83 28.90 8.81
N GLU C 52 20.55 27.61 9.06
CA GLU C 52 20.41 27.12 10.42
C GLU C 52 21.77 26.75 10.97
N ASP C 53 21.99 27.05 12.25
CA ASP C 53 23.08 26.42 12.99
C ASP C 53 22.52 25.65 14.17
N ASN C 54 21.93 26.34 15.13
CA ASN C 54 21.18 25.70 16.20
C ASN C 54 19.80 25.38 15.64
N ILE C 55 19.54 24.12 15.36
CA ILE C 55 18.26 23.78 14.65
C ILE C 55 17.05 23.74 15.59
N ASN C 56 17.27 23.86 16.90
CA ASN C 56 16.12 23.75 17.85
C ASN C 56 15.87 25.12 18.49
N VAL C 57 16.36 26.19 17.88
CA VAL C 57 16.22 27.55 18.45
C VAL C 57 15.99 28.55 17.32
N VAL C 58 14.98 29.39 17.46
CA VAL C 58 14.68 30.44 16.48
C VAL C 58 15.83 31.44 16.52
N GLU C 59 16.64 31.47 15.46
CA GLU C 59 17.86 32.26 15.45
C GLU C 59 17.70 33.60 14.73
N GLY C 60 16.90 33.65 13.68
CA GLY C 60 16.63 34.87 12.94
C GLY C 60 17.35 34.97 11.61
N ASN C 61 18.21 34.02 11.28
CA ASN C 61 18.93 34.03 10.01
C ASN C 61 18.48 32.91 9.09
N GLU C 62 17.33 32.32 9.36
CA GLU C 62 16.94 31.07 8.72
C GLU C 62 15.78 31.30 7.75
N GLN C 63 15.84 30.60 6.62
CA GLN C 63 14.76 30.60 5.64
C GLN C 63 14.19 29.20 5.53
N PHE C 64 12.86 29.11 5.53
CA PHE C 64 12.13 27.88 5.29
C PHE C 64 11.48 28.01 3.92
N ILE C 65 11.94 27.21 2.96
CA ILE C 65 11.46 27.30 1.58
C ILE C 65 11.11 25.89 1.11
N SER C 66 9.92 25.76 0.52
CA SER C 66 9.48 24.44 0.11
C SER C 66 10.11 24.06 -1.21
N ALA C 67 10.16 22.76 -1.47
CA ALA C 67 10.63 22.27 -2.76
C ALA C 67 9.49 22.37 -3.77
N SER C 68 9.80 22.87 -4.96
CA SER C 68 8.86 22.77 -6.06
C SER C 68 9.14 21.57 -6.96
N LYS C 69 10.38 21.11 -7.01
CA LYS C 69 10.77 19.91 -7.76
C LYS C 69 11.80 19.14 -6.95
N SER C 70 11.76 17.81 -7.10
CA SER C 70 12.75 16.92 -6.49
C SER C 70 13.11 15.87 -7.54
N ILE C 71 14.31 15.95 -8.07
CA ILE C 71 14.75 15.04 -9.14
C ILE C 71 15.73 14.04 -8.57
N VAL C 72 15.28 12.81 -8.41
CA VAL C 72 16.16 11.71 -8.04
C VAL C 72 16.95 11.30 -9.28
N HIS C 73 18.21 10.94 -9.08
CA HIS C 73 18.99 10.44 -10.19
C HIS C 73 18.24 9.26 -10.84
N PRO C 74 18.10 9.24 -12.16
CA PRO C 74 17.24 8.22 -12.79
C PRO C 74 17.74 6.80 -12.63
N SER C 75 19.03 6.58 -12.34
CA SER C 75 19.51 5.23 -12.13
C SER C 75 19.35 4.77 -10.69
N TYR C 76 18.82 5.61 -9.81
CA TYR C 76 18.71 5.25 -8.40
C TYR C 76 17.48 4.37 -8.17
N ASN C 77 17.66 3.31 -7.38
CA ASN C 77 16.57 2.51 -6.83
C ASN C 77 16.72 2.47 -5.31
N SER C 78 15.60 2.50 -4.59
CA SER C 78 15.67 2.42 -3.13
C SER C 78 16.30 1.12 -2.64
N ASN C 79 16.29 0.08 -3.46
CA ASN C 79 16.81 -1.22 -3.03
C ASN C 79 18.29 -1.41 -3.36
N THR C 80 18.95 -0.42 -3.95
CA THR C 80 20.39 -0.46 -4.22
C THR C 80 21.05 0.81 -3.67
N LEU C 81 22.37 0.74 -3.45
CA LEU C 81 23.12 1.86 -2.87
C LEU C 81 23.65 2.87 -3.90
N ASN C 82 23.82 2.44 -5.14
CA ASN C 82 24.49 3.20 -6.19
C ASN C 82 23.71 4.47 -6.57
N ASN C 83 24.43 5.46 -7.11
CA ASN C 83 23.81 6.65 -7.68
C ASN C 83 22.96 7.42 -6.67
N ASP C 84 23.44 7.52 -5.43
CA ASP C 84 22.66 8.10 -4.34
C ASP C 84 22.79 9.62 -4.37
N ILE C 85 22.08 10.23 -5.32
CA ILE C 85 22.09 11.68 -5.46
C ILE C 85 20.72 12.15 -5.94
N MET C 86 20.34 13.34 -5.48
CA MET C 86 19.06 13.96 -5.78
C MET C 86 19.26 15.48 -5.87
N LEU C 87 18.44 16.14 -6.69
CA LEU C 87 18.44 17.59 -6.83
C LEU C 87 17.07 18.14 -6.42
N ILE C 88 17.07 19.21 -5.65
CA ILE C 88 15.84 19.81 -5.14
C ILE C 88 15.79 21.25 -5.63
N LYS C 89 14.70 21.62 -6.28
CA LYS C 89 14.48 23.00 -6.69
C LYS C 89 13.62 23.69 -5.65
N LEU C 90 14.10 24.83 -5.14
CA LEU C 90 13.34 25.62 -4.18
C LEU C 90 12.19 26.36 -4.86
N LYS C 91 11.07 26.49 -4.14
CA LYS C 91 9.93 27.23 -4.68
C LYS C 91 10.31 28.66 -5.01
N SER C 92 11.20 29.27 -4.23
CA SER C 92 11.70 30.61 -4.49
C SER C 92 13.19 30.66 -4.17
N ALA C 93 13.89 31.61 -4.78
CA ALA C 93 15.33 31.70 -4.58
C ALA C 93 15.65 32.02 -3.12
N ALA C 94 16.70 31.40 -2.60
CA ALA C 94 17.15 31.73 -1.26
C ALA C 94 17.87 33.08 -1.27
N SER C 95 17.68 33.85 -0.20
CA SER C 95 18.44 35.09 -0.02
C SER C 95 19.83 34.74 0.48
N LEU C 96 20.85 35.14 -0.25
CA LEU C 96 22.22 34.82 0.10
C LEU C 96 22.79 35.89 1.01
N ASN C 97 23.58 35.46 1.99
CA ASN C 97 24.12 36.35 3.01
C ASN C 97 25.26 35.61 3.71
N SER C 98 25.62 36.06 4.91
CA SER C 98 26.73 35.44 5.62
C SER C 98 26.42 34.01 6.03
N ARG C 99 25.13 33.70 6.24
CA ARG C 99 24.70 32.38 6.72
C ARG C 99 24.25 31.45 5.60
N VAL C 100 24.03 31.97 4.38
CA VAL C 100 23.46 31.21 3.28
C VAL C 100 24.28 31.53 2.02
N ALA C 101 25.03 30.54 1.53
CA ALA C 101 25.83 30.69 0.33
C ALA C 101 25.95 29.33 -0.35
N SER C 102 26.18 29.35 -1.66
CA SER C 102 26.31 28.09 -2.39
C SER C 102 27.75 27.59 -2.32
N ILE C 103 27.91 26.29 -2.56
CA ILE C 103 29.21 25.63 -2.62
C ILE C 103 29.45 25.21 -4.06
N SER C 104 30.71 25.31 -4.49
CA SER C 104 31.04 25.05 -5.89
C SER C 104 31.04 23.57 -6.20
N LEU C 105 30.53 23.22 -7.38
CA LEU C 105 30.68 21.86 -7.85
C LEU C 105 32.14 21.61 -8.20
N PRO C 106 32.58 20.35 -8.20
CA PRO C 106 33.97 20.08 -8.56
C PRO C 106 34.17 20.16 -10.07
N THR C 107 35.38 20.57 -10.46
CA THR C 107 35.78 20.47 -11.86
C THR C 107 36.60 19.22 -12.13
N SER C 108 37.19 18.63 -11.10
CA SER C 108 37.86 17.34 -11.18
C SER C 108 37.60 16.57 -9.89
N CYS C 109 37.84 15.26 -9.93
CA CYS C 109 37.67 14.43 -8.75
C CYS C 109 38.81 14.69 -7.77
N ALA C 110 38.56 14.42 -6.49
CA ALA C 110 39.58 14.54 -5.47
C ALA C 110 40.38 13.24 -5.35
N SER C 111 41.64 13.37 -4.96
CA SER C 111 42.49 12.20 -4.80
C SER C 111 42.44 11.68 -3.36
N ALA C 112 42.78 10.40 -3.20
CA ALA C 112 42.84 9.83 -1.86
C ALA C 112 43.88 10.58 -1.01
N GLY C 113 43.63 10.63 0.30
CA GLY C 113 44.45 11.40 1.21
C GLY C 113 44.06 12.87 1.33
N THR C 114 43.23 13.38 0.44
CA THR C 114 42.75 14.75 0.58
C THR C 114 41.91 14.89 1.84
N GLN C 115 42.08 16.02 2.54
CA GLN C 115 41.30 16.32 3.72
C GLN C 115 40.01 17.01 3.32
N CYS C 116 38.87 16.52 3.82
CA CYS C 116 37.59 17.09 3.50
C CYS C 116 36.81 17.43 4.77
N LEU C 117 35.86 18.34 4.62
CA LEU C 117 34.99 18.76 5.73
C LEU C 117 33.62 18.12 5.57
N ILE C 118 33.21 17.35 6.57
CA ILE C 118 31.92 16.67 6.59
C ILE C 118 31.10 17.26 7.73
N SER C 119 29.83 17.57 7.45
CA SER C 119 29.03 18.28 8.44
C SER C 119 27.59 17.75 8.47
N GLY C 120 26.97 17.84 9.62
CA GLY C 120 25.59 17.39 9.77
C GLY C 120 25.10 17.49 11.20
N TRP C 121 23.79 17.32 11.35
CA TRP C 121 23.14 17.24 12.66
C TRP C 121 22.86 15.81 13.08
N GLY C 122 23.59 14.84 12.53
CA GLY C 122 23.36 13.43 12.85
C GLY C 122 23.86 13.04 14.23
N ASN C 123 23.65 11.75 14.53
CA ASN C 123 24.05 11.19 15.82
C ASN C 123 25.52 11.44 16.11
N THR C 124 25.85 11.76 17.36
CA THR C 124 27.24 12.01 17.74
C THR C 124 27.86 10.88 18.57
N LYS C 125 27.19 9.74 18.73
CA LYS C 125 27.67 8.68 19.61
C LYS C 125 27.93 7.38 18.84
N SER C 126 29.10 6.77 19.09
CA SER C 126 29.41 5.49 18.47
C SER C 126 28.59 4.35 19.07
N SER C 127 28.19 4.49 20.34
CA SER C 127 27.31 3.53 21.00
C SER C 127 26.23 4.33 21.69
N GLY C 128 24.97 4.08 21.31
CA GLY C 128 23.89 4.89 21.80
C GLY C 128 23.64 6.08 20.90
N THR C 129 22.68 6.91 21.31
CA THR C 129 22.11 7.93 20.46
C THR C 129 22.11 9.27 21.16
N SER C 130 22.57 10.30 20.46
CA SER C 130 22.46 11.68 20.93
C SER C 130 22.61 12.60 19.74
N TYR C 131 21.57 13.40 19.44
CA TYR C 131 21.59 14.34 18.35
C TYR C 131 21.97 15.74 18.84
N PRO C 132 22.76 16.47 18.08
CA PRO C 132 23.25 17.77 18.55
C PRO C 132 22.22 18.87 18.36
N ASP C 133 22.40 19.96 19.12
CA ASP C 133 21.61 21.15 18.87
C ASP C 133 22.22 22.00 17.76
N VAL C 134 23.55 21.97 17.62
CA VAL C 134 24.21 22.79 16.61
C VAL C 134 24.89 21.88 15.59
N LEU C 135 25.22 22.48 14.45
CA LEU C 135 25.89 21.75 13.39
C LEU C 135 27.26 21.28 13.86
N LYS C 136 27.57 20.01 13.56
CA LYS C 136 28.87 19.44 13.84
C LYS C 136 29.67 19.27 12.55
N CYS C 137 30.98 19.25 12.71
CA CYS C 137 31.92 19.30 11.61
C CYS C 137 32.98 18.23 11.86
N LEU C 138 33.53 17.71 10.77
CA LEU C 138 34.58 16.70 10.90
C LEU C 138 35.55 16.87 9.75
N LYS C 139 36.84 16.80 10.06
CA LYS C 139 37.90 16.77 9.06
C LYS C 139 38.36 15.32 8.93
N ALA C 140 38.29 14.78 7.72
CA ALA C 140 38.64 13.39 7.51
C ALA C 140 39.25 13.22 6.13
N PRO C 141 40.21 12.31 5.98
CA PRO C 141 40.81 12.05 4.66
C PRO C 141 39.99 11.08 3.83
N ILE C 142 39.94 11.34 2.52
CA ILE C 142 39.43 10.36 1.57
C ILE C 142 40.32 9.13 1.61
N LEU C 143 39.71 7.97 1.71
CA LEU C 143 40.45 6.72 1.77
C LEU C 143 40.73 6.18 0.37
N SER C 144 41.74 5.32 0.29
CA SER C 144 42.04 4.65 -0.97
C SER C 144 40.92 3.69 -1.34
N ASP C 145 40.69 3.56 -2.66
CA ASP C 145 39.73 2.59 -3.16
C ASP C 145 39.95 1.20 -2.55
N SER C 146 41.19 0.83 -2.28
CA SER C 146 41.46 -0.54 -1.76
C SER C 146 40.98 -0.63 -0.30
N SER C 147 41.21 0.42 0.48
CA SER C 147 40.70 0.44 1.87
C SER C 147 39.18 0.40 1.83
N CYS C 148 38.57 1.24 1.00
CA CYS C 148 37.09 1.33 0.89
C CYS C 148 36.53 -0.04 0.48
N LYS C 149 37.06 -0.59 -0.61
CA LYS C 149 36.56 -1.87 -1.11
C LYS C 149 36.80 -3.00 -0.12
N SER C 150 37.90 -2.96 0.64
CA SER C 150 38.18 -4.05 1.56
C SER C 150 37.28 -3.98 2.79
N ALA C 151 36.84 -2.77 3.18
CA ALA C 151 35.92 -2.65 4.30
C ALA C 151 34.52 -3.11 3.94
N TYR C 152 34.10 -2.90 2.69
CA TYR C 152 32.75 -3.25 2.24
C TYR C 152 32.85 -4.08 0.96
N PRO C 153 33.35 -5.31 1.06
CA PRO C 153 33.54 -6.13 -0.14
C PRO C 153 32.27 -6.24 -0.98
N GLY C 154 32.43 -5.99 -2.28
CA GLY C 154 31.35 -6.18 -3.23
C GLY C 154 30.33 -5.09 -3.29
N GLN C 155 30.51 -3.99 -2.56
CA GLN C 155 29.48 -2.96 -2.48
C GLN C 155 29.93 -1.56 -2.87
N ILE C 156 31.22 -1.33 -3.06
CA ILE C 156 31.73 0.00 -3.42
C ILE C 156 31.74 0.09 -4.94
N THR C 157 30.91 0.97 -5.49
CA THR C 157 30.94 1.20 -6.92
C THR C 157 31.87 2.37 -7.23
N SER C 158 32.02 2.68 -8.51
CA SER C 158 32.86 3.80 -8.93
C SER C 158 32.23 5.15 -8.61
N ASN C 159 30.97 5.16 -8.19
CA ASN C 159 30.26 6.37 -7.81
C ASN C 159 30.27 6.60 -6.31
N MET C 160 31.16 5.92 -5.59
CA MET C 160 31.25 6.05 -4.14
C MET C 160 32.72 6.17 -3.75
N PHE C 161 32.97 6.84 -2.63
CA PHE C 161 34.29 6.81 -2.01
C PHE C 161 34.13 6.79 -0.50
N CYS C 162 35.12 6.19 0.16
CA CYS C 162 35.15 6.18 1.61
C CYS C 162 35.96 7.36 2.12
N ALA C 163 35.63 7.80 3.32
CA ALA C 163 36.42 8.81 4.00
C ALA C 163 36.31 8.54 5.48
N GLY C 164 37.37 8.90 6.22
CA GLY C 164 37.42 8.69 7.65
C GLY C 164 38.66 7.93 8.06
N TYR C 165 38.48 6.99 8.99
CA TYR C 165 39.59 6.32 9.64
C TYR C 165 39.25 4.86 9.89
N LEU C 166 40.14 3.96 9.45
CA LEU C 166 39.97 2.54 9.74
C LEU C 166 39.97 2.27 11.24
N GLU C 167 40.65 3.12 12.02
CA GLU C 167 40.67 2.99 13.47
C GLU C 167 39.33 3.30 14.11
N GLY C 168 38.39 3.84 13.36
CA GLY C 168 37.15 4.33 13.94
C GLY C 168 37.36 5.63 14.67
N GLY C 169 36.41 5.95 15.53
CA GLY C 169 36.45 7.14 16.37
C GLY C 169 35.86 8.39 15.75
N LYS C 170 36.07 8.60 14.46
CA LYS C 170 35.57 9.77 13.75
C LYS C 170 34.83 9.31 12.51
N ASP C 171 33.59 9.78 12.34
CA ASP C 171 32.76 9.24 11.28
C ASP C 171 31.51 10.10 11.17
N SER C 172 30.87 10.02 10.00
CA SER C 172 29.48 10.46 9.91
C SER C 172 28.58 9.41 10.53
N CYS C 173 27.30 9.73 10.65
CA CYS C 173 26.40 8.84 11.35
C CYS C 173 24.98 9.13 10.91
N GLN C 174 24.05 8.28 11.33
CA GLN C 174 22.64 8.46 11.01
C GLN C 174 22.19 9.88 11.33
N GLY C 175 21.44 10.46 10.39
CA GLY C 175 21.04 11.84 10.44
C GLY C 175 21.95 12.78 9.68
N ASP C 176 23.16 12.33 9.33
CA ASP C 176 24.07 13.12 8.49
C ASP C 176 23.80 12.91 7.00
N SER C 177 23.11 11.82 6.64
CA SER C 177 22.70 11.50 5.28
C SER C 177 22.35 12.72 4.45
N GLY C 178 22.88 12.79 3.23
CA GLY C 178 22.57 13.85 2.31
C GLY C 178 23.46 15.08 2.42
N GLY C 179 24.19 15.23 3.52
CA GLY C 179 24.98 16.42 3.75
C GLY C 179 26.27 16.43 2.96
N PRO C 180 26.98 17.56 3.06
CA PRO C 180 28.15 17.81 2.20
C PRO C 180 29.45 17.20 2.70
N VAL C 181 30.28 16.80 1.74
CA VAL C 181 31.69 16.50 1.95
C VAL C 181 32.45 17.47 1.03
N VAL C 182 33.19 18.40 1.63
CA VAL C 182 33.80 19.49 0.88
C VAL C 182 35.31 19.39 1.01
N CYS C 183 36.00 19.40 -0.13
CA CYS C 183 37.45 19.29 -0.18
C CYS C 183 37.94 20.44 -1.06
N SER C 184 38.86 21.23 -0.52
CA SER C 184 39.43 22.39 -1.24
C SER C 184 38.34 23.25 -1.87
N GLY C 185 37.31 23.55 -1.10
CA GLY C 185 36.25 24.40 -1.60
C GLY C 185 35.33 23.78 -2.63
N LYS C 186 35.36 22.47 -2.84
CA LYS C 186 34.50 21.81 -3.83
C LYS C 186 33.65 20.72 -3.18
N LEU C 187 32.39 20.64 -3.60
CA LEU C 187 31.49 19.59 -3.11
C LEU C 187 31.87 18.29 -3.80
N GLN C 188 32.66 17.46 -3.11
CA GLN C 188 33.10 16.18 -3.65
C GLN C 188 32.24 15.00 -3.22
N GLY C 189 31.58 15.07 -2.06
CA GLY C 189 30.82 13.94 -1.56
C GLY C 189 29.47 14.35 -1.01
N ILE C 190 28.62 13.34 -0.84
CA ILE C 190 27.31 13.44 -0.22
C ILE C 190 27.22 12.26 0.74
N VAL C 191 26.95 12.55 2.02
CA VAL C 191 26.87 11.48 3.03
C VAL C 191 25.82 10.47 2.56
N SER C 192 26.25 9.25 2.26
CA SER C 192 25.36 8.27 1.63
C SER C 192 25.07 7.07 2.51
N TRP C 193 26.08 6.37 3.04
CA TRP C 193 25.80 5.23 3.90
C TRP C 193 27.00 4.88 4.76
N GLY C 194 26.81 3.83 5.54
CA GLY C 194 27.87 3.31 6.41
C GLY C 194 27.34 2.14 7.22
N SER C 195 28.19 1.50 8.02
CA SER C 195 27.74 0.42 8.92
C SER C 195 28.20 0.77 10.33
N GLY C 196 27.24 1.02 11.21
CA GLY C 196 27.60 1.51 12.54
C GLY C 196 28.12 2.93 12.41
N CYS C 197 28.63 3.48 13.50
CA CYS C 197 29.24 4.83 13.40
C CYS C 197 30.55 4.84 14.17
N ALA C 198 31.63 5.18 13.49
CA ALA C 198 32.96 5.32 14.09
C ALA C 198 33.52 4.00 14.58
N GLN C 199 33.07 2.89 14.02
CA GLN C 199 33.60 1.59 14.38
C GLN C 199 34.85 1.28 13.59
N LYS C 200 35.68 0.40 14.15
CA LYS C 200 36.85 -0.08 13.43
C LYS C 200 36.45 -0.73 12.12
N ASN C 201 37.19 -0.42 11.05
CA ASN C 201 37.07 -1.04 9.73
C ASN C 201 35.76 -0.72 9.02
N LYS C 202 35.01 0.28 9.46
CA LYS C 202 33.72 0.60 8.83
C LYS C 202 33.62 2.11 8.63
N PRO C 203 34.36 2.65 7.67
CA PRO C 203 34.32 4.10 7.44
C PRO C 203 33.03 4.51 6.75
N GLY C 204 32.82 5.82 6.68
CA GLY C 204 31.69 6.37 5.95
C GLY C 204 31.86 6.22 4.46
N VAL C 205 30.74 6.12 3.75
CA VAL C 205 30.70 6.03 2.29
C VAL C 205 29.89 7.19 1.75
N TYR C 206 30.37 7.77 0.65
CA TYR C 206 29.91 9.04 0.15
C TYR C 206 29.72 8.95 -1.36
N THR C 207 28.61 9.52 -1.85
CA THR C 207 28.38 9.63 -3.30
C THR C 207 29.46 10.49 -3.93
N LYS C 208 30.06 10.00 -5.02
CA LYS C 208 31.17 10.68 -5.69
C LYS C 208 30.61 11.74 -6.64
N VAL C 209 30.51 12.98 -6.15
CA VAL C 209 29.82 14.06 -6.86
C VAL C 209 30.48 14.39 -8.19
N CYS C 210 31.80 14.23 -8.31
CA CYS C 210 32.46 14.58 -9.56
C CYS C 210 31.93 13.77 -10.73
N ASN C 211 31.48 12.53 -10.48
CA ASN C 211 30.91 11.74 -11.57
C ASN C 211 29.54 12.22 -12.01
N TYR C 212 28.94 13.22 -11.34
CA TYR C 212 27.57 13.61 -11.65
C TYR C 212 27.45 15.05 -12.16
N VAL C 213 28.56 15.73 -12.44
CA VAL C 213 28.47 17.17 -12.72
C VAL C 213 27.69 17.41 -14.01
N SER C 214 27.90 16.56 -15.02
CA SER C 214 27.18 16.72 -16.28
C SER C 214 25.67 16.58 -16.07
N TRP C 215 25.25 15.55 -15.32
CA TRP C 215 23.83 15.34 -15.08
C TRP C 215 23.24 16.48 -14.26
N ILE C 216 24.01 17.01 -13.31
CA ILE C 216 23.54 18.11 -12.46
C ILE C 216 23.30 19.35 -13.30
N LYS C 217 24.28 19.70 -14.13
CA LYS C 217 24.16 20.92 -14.91
C LYS C 217 23.00 20.83 -15.90
N GLN C 218 22.89 19.68 -16.58
CA GLN C 218 21.80 19.47 -17.52
C GLN C 218 20.45 19.50 -16.81
N THR C 219 20.36 18.87 -15.64
CA THR C 219 19.09 18.82 -14.90
C THR C 219 18.67 20.20 -14.43
N ILE C 220 19.61 20.99 -13.93
CA ILE C 220 19.29 22.37 -13.56
C ILE C 220 18.90 23.16 -14.80
N ALA C 221 19.60 22.94 -15.91
CA ALA C 221 19.38 23.75 -17.10
C ALA C 221 17.98 23.53 -17.66
N SER C 222 17.50 22.29 -17.67
CA SER C 222 16.22 21.96 -18.28
C SER C 222 15.08 21.92 -17.28
N ASN C 223 15.26 22.48 -16.09
CA ASN C 223 14.21 22.48 -15.06
C ASN C 223 14.12 23.80 -14.30
N LYS D 1 25.85 -25.14 20.54
CA LYS D 1 26.32 -26.13 19.58
C LYS D 1 26.96 -25.38 18.41
N ASN D 2 26.15 -24.60 17.69
CA ASN D 2 26.70 -23.55 16.84
C ASN D 2 26.81 -22.26 17.65
N GLU D 3 27.62 -21.33 17.16
CA GLU D 3 27.83 -20.08 17.86
C GLU D 3 26.53 -19.27 17.93
N PRO D 4 26.28 -18.57 19.02
CA PRO D 4 25.04 -17.79 19.12
C PRO D 4 25.08 -16.55 18.24
N VAL D 5 23.91 -16.17 17.75
CA VAL D 5 23.71 -14.87 17.14
C VAL D 5 23.65 -13.83 18.26
N LEU D 6 24.30 -12.70 18.06
CA LEU D 6 24.36 -11.65 19.06
C LEU D 6 23.55 -10.43 18.61
N ASP D 7 22.98 -9.72 19.57
CA ASP D 7 22.30 -8.47 19.26
C ASP D 7 23.33 -7.34 19.23
N THR D 8 22.86 -6.12 18.97
CA THR D 8 23.80 -4.99 18.83
C THR D 8 24.46 -4.62 20.16
N ASP D 9 23.98 -5.13 21.29
CA ASP D 9 24.63 -4.98 22.58
C ASP D 9 25.58 -6.11 22.90
N GLY D 10 25.81 -7.01 21.95
CA GLY D 10 26.69 -8.14 22.22
C GLY D 10 26.07 -9.22 23.06
N ASP D 11 24.77 -9.14 23.34
CA ASP D 11 24.10 -10.20 24.08
C ASP D 11 23.58 -11.26 23.11
N GLU D 12 23.53 -12.49 23.59
CA GLU D 12 23.03 -13.58 22.75
C GLU D 12 21.53 -13.43 22.55
N LEU D 13 21.10 -13.64 21.30
CA LEU D 13 19.67 -13.66 20.99
C LEU D 13 18.99 -14.84 21.69
N ARG D 14 17.79 -14.56 22.21
CA ARG D 14 16.96 -15.58 22.86
C ARG D 14 15.66 -15.75 22.09
N ALA D 15 15.24 -17.01 21.93
CA ALA D 15 13.92 -17.30 21.41
C ALA D 15 12.86 -16.72 22.32
N GLY D 16 11.79 -16.21 21.73
CA GLY D 16 10.72 -15.63 22.50
C GLY D 16 10.88 -14.16 22.83
N GLU D 17 12.09 -13.63 22.71
CA GLU D 17 12.34 -12.20 22.93
C GLU D 17 12.17 -11.43 21.62
N GLN D 18 11.64 -10.22 21.73
CA GLN D 18 11.39 -9.40 20.55
C GLN D 18 12.65 -8.65 20.14
N TYR D 19 12.92 -8.63 18.83
CA TYR D 19 14.04 -7.89 18.27
C TYR D 19 13.61 -7.18 17.00
N TYR D 20 14.10 -5.97 16.81
CA TYR D 20 14.06 -5.33 15.50
C TYR D 20 15.16 -5.91 14.63
N VAL D 21 14.80 -6.21 13.38
CA VAL D 21 15.76 -6.60 12.37
C VAL D 21 16.05 -5.35 11.53
N VAL D 22 17.24 -4.79 11.69
CA VAL D 22 17.59 -3.50 11.10
C VAL D 22 18.79 -3.69 10.17
N SER D 23 18.72 -3.05 9.01
CA SER D 23 19.82 -3.12 8.06
C SER D 23 21.13 -2.78 8.76
N ALA D 24 22.14 -3.63 8.55
CA ALA D 24 23.46 -3.32 9.07
C ALA D 24 24.06 -2.11 8.38
N ILE D 25 23.46 -1.65 7.28
CA ILE D 25 23.96 -0.52 6.51
C ILE D 25 22.90 0.57 6.59
N TRP D 26 23.26 1.72 7.18
CA TRP D 26 22.30 2.79 7.35
C TRP D 26 22.30 3.69 6.10
N GLY D 27 21.53 4.77 6.16
CA GLY D 27 21.49 5.73 5.07
C GLY D 27 20.82 5.14 3.85
N ALA D 28 21.57 5.04 2.74
CA ALA D 28 21.03 4.39 1.55
C ALA D 28 20.75 2.91 1.78
N GLY D 29 21.31 2.32 2.83
CA GLY D 29 20.99 0.94 3.14
C GLY D 29 19.66 0.73 3.84
N GLY D 30 18.97 1.81 4.20
CA GLY D 30 17.64 1.69 4.76
C GLY D 30 17.63 1.39 6.25
N GLY D 31 16.44 1.05 6.74
CA GLY D 31 16.22 0.78 8.14
C GLY D 31 15.73 -0.63 8.43
N GLY D 32 14.63 -0.76 9.19
CA GLY D 32 14.24 -2.06 9.70
C GLY D 32 13.17 -2.76 8.84
N LEU D 33 13.01 -4.05 9.10
CA LEU D 33 11.99 -4.87 8.44
C LEU D 33 10.64 -4.69 9.11
N ALA D 34 9.57 -4.82 8.32
CA ALA D 34 8.24 -4.57 8.83
C ALA D 34 7.22 -5.39 8.07
N LEU D 35 6.02 -5.52 8.65
CA LEU D 35 4.89 -6.09 7.93
C LEU D 35 4.40 -5.10 6.90
N GLY D 36 4.17 -5.57 5.67
CA GLY D 36 3.69 -4.71 4.61
C GLY D 36 2.60 -5.39 3.80
N ARG D 37 2.11 -4.66 2.80
CA ARG D 37 1.03 -5.09 1.92
C ARG D 37 1.37 -4.73 0.48
N LEU D 38 1.06 -5.62 -0.45
CA LEU D 38 1.06 -5.27 -1.86
C LEU D 38 -0.15 -4.41 -2.19
N THR D 39 0.00 -3.54 -3.19
CA THR D 39 -1.12 -2.67 -3.56
C THR D 39 -2.31 -3.46 -4.09
N ASP D 40 -2.07 -4.63 -4.68
CA ASP D 40 -3.14 -5.41 -5.30
C ASP D 40 -3.46 -6.71 -4.57
N GLN D 41 -2.89 -6.94 -3.39
CA GLN D 41 -3.21 -8.11 -2.57
C GLN D 41 -3.14 -7.70 -1.11
N LYS D 42 -4.26 -7.86 -0.40
CA LYS D 42 -4.32 -7.42 1.00
C LYS D 42 -3.70 -8.44 1.95
N CYS D 43 -3.86 -9.74 1.65
CA CYS D 43 -3.36 -10.81 2.50
C CYS D 43 -2.81 -11.95 1.65
N PRO D 44 -1.77 -12.65 2.14
CA PRO D 44 -1.03 -12.38 3.39
C PRO D 44 -0.24 -11.09 3.28
N GLU D 45 0.16 -10.56 4.43
CA GLU D 45 1.12 -9.48 4.46
C GLU D 45 2.48 -9.96 3.98
N ILE D 46 3.29 -9.03 3.53
CA ILE D 46 4.61 -9.34 3.01
C ILE D 46 5.65 -8.74 3.95
N VAL D 47 6.89 -9.19 3.79
CA VAL D 47 8.03 -8.60 4.50
C VAL D 47 8.57 -7.48 3.63
N VAL D 48 8.61 -6.27 4.19
CA VAL D 48 9.18 -5.13 3.49
C VAL D 48 10.25 -4.49 4.38
N GLN D 49 11.08 -3.66 3.76
CA GLN D 49 12.09 -2.89 4.51
C GLN D 49 11.73 -1.42 4.45
N ARG D 50 11.81 -0.75 5.60
CA ARG D 50 11.63 0.70 5.67
C ARG D 50 12.82 1.40 5.06
N ARG D 51 12.56 2.49 4.34
CA ARG D 51 13.66 3.24 3.74
C ARG D 51 14.47 4.04 4.76
N SER D 52 13.83 4.48 5.86
CA SER D 52 14.50 5.35 6.82
C SER D 52 15.29 4.54 7.83
N ASP D 53 16.58 4.86 7.97
CA ASP D 53 17.44 4.17 8.92
C ASP D 53 17.10 4.50 10.37
N LEU D 54 16.15 5.38 10.62
CA LEU D 54 15.63 5.62 11.96
C LEU D 54 14.36 4.83 12.26
N ASP D 55 13.82 4.12 11.27
CA ASP D 55 12.56 3.36 11.42
C ASP D 55 12.94 1.88 11.50
N TYR D 56 12.89 1.33 12.71
CA TYR D 56 13.30 -0.05 12.94
C TYR D 56 12.20 -1.05 12.60
N GLY D 57 11.01 -0.60 12.23
CA GLY D 57 10.02 -1.49 11.66
C GLY D 57 9.22 -2.28 12.67
N THR D 58 8.97 -3.56 12.39
CA THR D 58 8.15 -4.43 13.21
C THR D 58 9.00 -5.48 13.90
N PRO D 59 8.91 -5.62 15.21
CA PRO D 59 9.74 -6.62 15.90
C PRO D 59 9.38 -8.04 15.48
N VAL D 60 10.37 -8.92 15.54
CA VAL D 60 10.17 -10.35 15.31
C VAL D 60 10.52 -11.09 16.61
N VAL D 61 10.05 -12.33 16.69
CA VAL D 61 10.56 -13.30 17.65
C VAL D 61 10.99 -14.52 16.86
N PHE D 62 11.97 -15.24 17.39
CA PHE D 62 12.50 -16.44 16.77
C PHE D 62 12.07 -17.66 17.56
N TYR D 63 11.73 -18.73 16.86
CA TYR D 63 11.42 -20.04 17.44
C TYR D 63 12.45 -21.05 16.97
N ASN D 64 13.12 -21.68 17.91
CA ASN D 64 14.16 -22.64 17.57
C ASN D 64 13.55 -23.96 17.09
N LEU D 65 14.35 -24.71 16.34
CA LEU D 65 13.97 -26.07 15.98
C LEU D 65 13.72 -26.91 17.23
N ASP D 66 14.66 -26.88 18.17
CA ASP D 66 14.51 -27.60 19.44
C ASP D 66 14.07 -26.60 20.50
N THR D 67 12.85 -26.77 21.00
CA THR D 67 12.28 -25.80 21.95
C THR D 67 12.96 -25.85 23.31
N LYS D 68 13.82 -26.84 23.56
CA LYS D 68 14.56 -26.88 24.82
C LYS D 68 15.70 -25.86 24.86
N ASP D 69 16.16 -25.38 23.71
CA ASP D 69 17.24 -24.42 23.64
C ASP D 69 16.65 -23.04 23.35
N ASP D 70 16.84 -22.10 24.27
CA ASP D 70 16.36 -20.76 24.05
C ASP D 70 17.41 -19.83 23.45
N ILE D 71 18.59 -20.36 23.08
CA ILE D 71 19.65 -19.56 22.48
C ILE D 71 19.53 -19.66 20.95
N VAL D 72 19.41 -18.51 20.29
CA VAL D 72 19.38 -18.47 18.83
C VAL D 72 20.80 -18.58 18.31
N ARG D 73 21.07 -19.61 17.50
CA ARG D 73 22.43 -19.90 17.06
C ARG D 73 22.55 -19.75 15.55
N ARG D 74 23.78 -19.54 15.11
CA ARG D 74 24.06 -19.38 13.69
C ARG D 74 23.87 -20.70 12.94
N SER D 75 23.46 -20.57 11.68
CA SER D 75 23.38 -21.71 10.75
C SER D 75 22.49 -22.82 11.30
N THR D 76 21.42 -22.44 11.99
CA THR D 76 20.47 -23.40 12.54
C THR D 76 19.06 -23.02 12.11
N ASP D 77 18.34 -23.98 11.52
CA ASP D 77 16.97 -23.72 11.05
C ASP D 77 16.12 -23.18 12.18
N LEU D 78 15.32 -22.15 11.89
CA LEU D 78 14.42 -21.56 12.86
C LEU D 78 13.25 -20.89 12.16
N ASN D 79 12.20 -20.61 12.91
CA ASN D 79 11.05 -19.87 12.41
C ASN D 79 11.18 -18.41 12.82
N ILE D 80 10.65 -17.52 11.97
CA ILE D 80 10.70 -16.09 12.23
C ILE D 80 9.28 -15.53 12.17
N GLN D 81 8.91 -14.75 13.16
CA GLN D 81 7.52 -14.28 13.23
C GLN D 81 7.48 -12.81 13.61
N PHE D 82 6.82 -12.00 12.78
CA PHE D 82 6.55 -10.62 13.16
C PHE D 82 5.56 -10.57 14.32
N VAL D 83 5.81 -9.66 15.25
CA VAL D 83 4.89 -9.40 16.35
C VAL D 83 4.37 -7.98 16.22
N PRO D 84 3.32 -7.75 15.45
CA PRO D 84 2.82 -6.39 15.27
C PRO D 84 2.25 -5.84 16.56
N ILE D 85 2.40 -4.53 16.74
CA ILE D 85 1.66 -3.90 17.83
C ILE D 85 0.30 -3.42 17.32
N ARG D 86 0.20 -3.14 16.03
CA ARG D 86 -1.01 -2.59 15.43
C ARG D 86 -2.08 -3.67 15.32
N ASP D 87 -3.24 -3.28 14.81
CA ASP D 87 -4.37 -4.19 14.71
C ASP D 87 -4.24 -5.04 13.46
N ARG D 88 -4.25 -6.36 13.64
CA ARG D 88 -4.07 -7.30 12.55
C ARG D 88 -5.28 -7.24 11.62
N LEU D 89 -5.05 -6.83 10.37
CA LEU D 89 -6.11 -6.71 9.39
C LEU D 89 -6.35 -8.03 8.63
N CYS D 90 -5.41 -8.96 8.69
CA CYS D 90 -5.44 -10.23 7.98
C CYS D 90 -5.60 -11.37 8.99
N LEU D 91 -6.11 -12.50 8.50
CA LEU D 91 -6.25 -13.68 9.32
C LEU D 91 -5.08 -14.65 9.14
N THR D 92 -4.21 -14.38 8.18
CA THR D 92 -3.04 -15.20 7.92
C THR D 92 -1.98 -14.95 8.99
N SER D 93 -1.05 -15.90 9.14
CA SER D 93 -0.03 -15.73 10.17
C SER D 93 1.00 -14.67 9.75
N THR D 94 1.77 -14.22 10.74
CA THR D 94 2.85 -13.22 10.54
C THR D 94 4.19 -13.95 10.51
N VAL D 95 4.13 -15.28 10.39
CA VAL D 95 5.37 -16.10 10.33
C VAL D 95 5.94 -16.03 8.91
N TRP D 96 7.24 -15.79 8.82
CA TRP D 96 7.92 -15.72 7.51
C TRP D 96 7.86 -17.05 6.76
N LYS D 97 7.83 -16.99 5.43
CA LYS D 97 7.83 -18.20 4.58
C LYS D 97 8.28 -17.84 3.17
N ILE D 98 8.99 -18.75 2.53
CA ILE D 98 9.34 -18.52 1.11
C ILE D 98 8.07 -18.81 0.31
N ASP D 99 7.69 -17.85 -0.52
CA ASP D 99 6.47 -17.97 -1.34
C ASP D 99 6.69 -18.85 -2.57
N ASP D 100 5.62 -19.15 -3.29
CA ASP D 100 5.77 -19.78 -4.59
C ASP D 100 6.43 -18.82 -5.56
N TYR D 101 7.12 -19.38 -6.55
CA TYR D 101 7.81 -18.61 -7.56
C TYR D 101 6.88 -17.61 -8.22
N ASP D 102 7.37 -16.38 -8.39
CA ASP D 102 6.57 -15.29 -8.91
C ASP D 102 6.98 -15.11 -10.38
N THR D 103 6.13 -15.58 -11.29
CA THR D 103 6.45 -15.49 -12.71
C THR D 103 6.54 -14.04 -13.18
N SER D 104 5.83 -13.11 -12.53
CA SER D 104 5.88 -11.72 -12.97
C SER D 104 7.20 -11.03 -12.63
N THR D 105 8.01 -11.58 -11.71
CA THR D 105 9.26 -10.94 -11.35
C THR D 105 10.48 -11.85 -11.40
N GLY D 106 10.30 -13.17 -11.48
CA GLY D 106 11.43 -14.06 -11.41
C GLY D 106 12.03 -14.20 -10.02
N LYS D 107 11.28 -13.88 -8.98
CA LYS D 107 11.77 -13.90 -7.62
C LYS D 107 11.01 -14.91 -6.77
N TRP D 108 11.73 -15.44 -5.79
CA TRP D 108 11.14 -16.21 -4.71
C TRP D 108 11.11 -15.28 -3.49
N TRP D 109 9.95 -14.68 -3.22
CA TRP D 109 9.82 -13.67 -2.20
C TRP D 109 9.74 -14.28 -0.80
N VAL D 110 10.21 -13.51 0.19
CA VAL D 110 9.82 -13.79 1.57
C VAL D 110 8.45 -13.16 1.79
N THR D 111 7.49 -13.98 2.22
CA THR D 111 6.17 -13.48 2.52
C THR D 111 5.79 -13.98 3.90
N THR D 112 4.51 -13.89 4.28
CA THR D 112 4.14 -14.44 5.57
C THR D 112 3.15 -15.59 5.40
N ASP D 113 2.35 -15.85 6.44
CA ASP D 113 1.51 -17.05 6.52
C ASP D 113 2.34 -18.33 6.62
N GLY D 114 3.53 -18.22 7.21
CA GLY D 114 4.29 -19.41 7.54
C GLY D 114 3.73 -20.13 8.78
N VAL D 115 4.45 -21.17 9.20
CA VAL D 115 4.03 -22.06 10.28
C VAL D 115 5.17 -22.24 11.27
N ILE D 116 4.84 -22.34 12.57
CA ILE D 116 5.82 -22.52 13.65
C ILE D 116 5.94 -24.00 13.99
N GLY D 117 7.17 -24.52 14.00
CA GLY D 117 7.43 -25.86 14.50
C GLY D 117 7.12 -26.95 13.49
N ASN D 118 7.03 -28.18 14.02
CA ASN D 118 6.82 -29.39 13.22
C ASN D 118 7.77 -29.45 12.03
N PRO D 119 9.09 -29.53 12.27
CA PRO D 119 10.04 -29.65 11.16
C PRO D 119 9.72 -30.89 10.34
N SER D 120 9.53 -30.70 9.04
CA SER D 120 8.86 -31.69 8.21
C SER D 120 8.77 -31.19 6.78
N PRO D 121 8.42 -32.04 5.82
CA PRO D 121 8.16 -31.53 4.47
C PRO D 121 7.01 -30.55 4.41
N GLN D 122 6.05 -30.67 5.34
CA GLN D 122 4.87 -29.79 5.29
C GLN D 122 5.22 -28.34 5.61
N THR D 123 6.22 -28.12 6.47
CA THR D 123 6.58 -26.80 6.94
C THR D 123 7.88 -26.30 6.35
N LEU D 124 8.41 -27.02 5.36
CA LEU D 124 9.76 -26.75 4.85
C LEU D 124 9.98 -25.29 4.52
N GLN D 125 8.94 -24.60 4.04
CA GLN D 125 9.09 -23.22 3.56
C GLN D 125 9.21 -22.19 4.68
N SER D 126 9.02 -22.59 5.94
CA SER D 126 9.03 -21.67 7.07
C SER D 126 10.34 -21.67 7.85
N TRP D 127 11.38 -22.33 7.37
CA TRP D 127 12.62 -22.50 8.12
C TRP D 127 13.73 -21.67 7.52
N PHE D 128 14.30 -20.76 8.32
CA PHE D 128 15.40 -19.89 7.89
C PHE D 128 16.61 -20.05 8.79
N LYS D 129 17.79 -19.80 8.23
CA LYS D 129 19.02 -19.76 8.99
C LYS D 129 19.53 -18.33 9.09
N ILE D 130 20.13 -17.99 10.24
CA ILE D 130 20.88 -16.76 10.41
C ILE D 130 22.37 -17.09 10.35
N GLU D 131 23.10 -16.39 9.48
CA GLU D 131 24.51 -16.64 9.25
C GLU D 131 25.28 -15.33 9.34
N LYS D 132 26.55 -15.42 9.74
CA LYS D 132 27.42 -14.26 9.75
C LYS D 132 27.58 -13.69 8.34
N SER D 133 27.51 -12.36 8.22
CA SER D 133 27.67 -11.67 6.94
C SER D 133 28.86 -10.74 7.06
N GLY D 134 30.04 -11.24 6.68
CA GLY D 134 31.27 -10.46 6.81
C GLY D 134 31.46 -10.00 8.23
N ASN D 135 31.94 -8.77 8.38
CA ASN D 135 32.00 -8.14 9.68
C ASN D 135 30.89 -7.10 9.88
N LEU D 136 29.88 -7.11 9.01
CA LEU D 136 28.83 -6.10 9.10
C LEU D 136 27.69 -6.54 10.01
N GLY D 137 27.46 -7.84 10.13
CA GLY D 137 26.34 -8.31 10.90
C GLY D 137 25.95 -9.69 10.45
N TYR D 138 24.67 -9.90 10.22
CA TYR D 138 24.14 -11.21 9.87
C TYR D 138 23.32 -11.12 8.59
N LYS D 139 23.14 -12.27 7.96
CA LYS D 139 22.29 -12.39 6.79
C LYS D 139 21.34 -13.55 7.01
N PHE D 140 20.22 -13.51 6.30
CA PHE D 140 19.28 -14.61 6.32
C PHE D 140 19.60 -15.55 5.16
N ASN D 141 19.43 -16.84 5.41
CA ASN D 141 19.69 -17.87 4.43
C ASN D 141 18.52 -18.85 4.48
N PHE D 142 18.02 -19.21 3.32
CA PHE D 142 16.99 -20.24 3.21
C PHE D 142 17.63 -21.47 2.59
N CYS D 143 17.83 -22.49 3.39
CA CYS D 143 18.37 -23.78 2.96
C CYS D 143 18.03 -24.82 4.02
N PRO D 144 16.75 -25.16 4.18
CA PRO D 144 16.35 -25.96 5.34
C PRO D 144 16.91 -27.37 5.28
N SER D 145 17.22 -27.87 6.46
CA SER D 145 17.72 -29.23 6.66
C SER D 145 16.70 -30.11 7.34
N VAL D 146 15.47 -29.63 7.54
CA VAL D 146 14.48 -30.39 8.28
C VAL D 146 13.97 -31.61 7.51
N CYS D 147 14.17 -31.67 6.20
CA CYS D 147 13.70 -32.82 5.41
C CYS D 147 14.83 -33.20 4.46
N GLU D 148 15.64 -34.17 4.87
CA GLU D 148 16.84 -34.52 4.11
C GLU D 148 16.49 -35.09 2.73
N SER D 149 15.30 -35.69 2.58
CA SER D 149 14.93 -36.26 1.31
C SER D 149 14.15 -35.30 0.43
N CYS D 150 13.94 -34.06 0.87
CA CYS D 150 13.22 -33.06 0.10
C CYS D 150 14.17 -32.28 -0.79
N VAL D 151 13.77 -32.07 -2.04
CA VAL D 151 14.44 -31.07 -2.84
C VAL D 151 14.05 -29.69 -2.32
N THR D 152 15.04 -28.82 -2.12
CA THR D 152 14.80 -27.49 -1.59
C THR D 152 15.68 -26.47 -2.29
N LEU D 153 15.18 -25.24 -2.39
CA LEU D 153 16.03 -24.11 -2.69
C LEU D 153 17.04 -23.95 -1.56
N CYS D 154 18.14 -23.27 -1.88
CA CYS D 154 19.24 -23.11 -0.93
C CYS D 154 19.97 -21.82 -1.33
N ASN D 155 19.63 -20.70 -0.69
CA ASN D 155 20.11 -19.40 -1.13
C ASN D 155 20.06 -18.40 0.02
N ASP D 156 21.01 -17.46 -0.01
CA ASP D 156 20.91 -16.30 0.86
C ASP D 156 19.71 -15.45 0.47
N ILE D 157 19.33 -14.54 1.37
CA ILE D 157 18.24 -13.59 1.16
C ILE D 157 18.85 -12.22 0.88
N GLY D 158 18.46 -11.59 -0.24
CA GLY D 158 18.83 -10.23 -0.54
C GLY D 158 17.61 -9.32 -0.57
N ARG D 159 17.84 -8.03 -0.83
CA ARG D 159 16.73 -7.09 -0.92
C ARG D 159 16.58 -6.56 -2.33
N TYR D 160 15.33 -6.36 -2.76
CA TYR D 160 15.00 -6.06 -4.15
C TYR D 160 13.74 -5.22 -4.18
N GLY D 161 13.53 -4.53 -5.30
CA GLY D 161 12.37 -3.67 -5.46
C GLY D 161 11.17 -4.44 -6.02
N HIS D 162 9.99 -4.11 -5.49
CA HIS D 162 8.73 -4.66 -5.97
C HIS D 162 7.63 -3.68 -5.60
N ASP D 163 6.78 -3.31 -6.56
CA ASP D 163 5.55 -2.58 -6.24
C ASP D 163 5.87 -1.23 -5.58
N GLY D 164 6.99 -0.61 -5.96
CA GLY D 164 7.47 0.60 -5.32
C GLY D 164 8.01 0.44 -3.91
N GLN D 165 8.17 -0.79 -3.43
CA GLN D 165 8.60 -1.08 -2.08
C GLN D 165 9.91 -1.88 -2.12
N ILE D 166 10.50 -2.07 -0.94
CA ILE D 166 11.69 -2.89 -0.80
C ILE D 166 11.27 -4.20 -0.14
N ARG D 167 11.53 -5.31 -0.83
CA ARG D 167 11.17 -6.64 -0.35
C ARG D 167 12.43 -7.47 -0.18
N LEU D 168 12.27 -8.67 0.37
CA LEU D 168 13.34 -9.64 0.48
C LEU D 168 13.04 -10.84 -0.39
N ALA D 169 14.06 -11.40 -1.03
CA ALA D 169 13.91 -12.57 -1.88
C ALA D 169 15.20 -13.38 -1.84
N LEU D 170 15.10 -14.64 -2.25
CA LEU D 170 16.32 -15.42 -2.50
C LEU D 170 17.17 -14.71 -3.55
N GLY D 171 18.48 -14.81 -3.42
CA GLY D 171 19.34 -14.25 -4.44
C GLY D 171 20.78 -14.57 -4.14
N GLU D 172 21.65 -14.08 -5.03
CA GLU D 172 23.08 -14.34 -4.86
C GLU D 172 23.72 -13.40 -3.84
N ASN D 173 23.28 -12.13 -3.80
CA ASN D 173 23.91 -11.10 -2.96
C ASN D 173 23.05 -10.86 -1.73
N ALA D 174 23.49 -11.39 -0.59
CA ALA D 174 22.76 -11.26 0.67
C ALA D 174 22.73 -9.81 1.15
N TRP D 175 21.69 -9.48 1.91
CA TRP D 175 21.69 -8.17 2.56
C TRP D 175 21.93 -8.33 4.05
N PRO D 176 22.84 -7.56 4.66
CA PRO D 176 23.18 -7.78 6.07
C PRO D 176 22.31 -7.01 7.05
N PHE D 177 22.05 -7.66 8.19
CA PHE D 177 21.19 -7.11 9.21
C PHE D 177 21.86 -7.23 10.58
N VAL D 178 21.37 -6.42 11.51
CA VAL D 178 21.70 -6.53 12.92
C VAL D 178 20.39 -6.59 13.70
N PHE D 179 20.46 -7.11 14.91
CA PHE D 179 19.28 -7.36 15.72
C PHE D 179 19.30 -6.46 16.94
N LYS D 180 18.27 -5.63 17.08
CA LYS D 180 18.20 -4.67 18.16
C LYS D 180 17.06 -5.03 19.11
N LYS D 181 17.37 -5.09 20.40
CA LYS D 181 16.37 -5.40 21.41
C LYS D 181 15.15 -4.52 21.27
N ALA D 182 13.98 -5.14 21.29
CA ALA D 182 12.72 -4.39 21.18
C ALA D 182 12.07 -4.28 22.56
S SO4 E . -7.70 -8.94 -2.35
O1 SO4 E . -8.14 -9.95 -1.39
O2 SO4 E . -7.42 -7.69 -1.65
O3 SO4 E . -6.48 -9.40 -3.01
O4 SO4 E . -8.76 -8.71 -3.33
C1 GOL F . -32.74 -17.31 -15.96
O1 GOL F . -32.81 -15.92 -16.10
C2 GOL F . -31.25 -17.65 -16.06
O2 GOL F . -30.67 -17.03 -17.15
C3 GOL F . -31.14 -19.19 -16.13
O3 GOL F . -29.78 -19.46 -16.36
C1 GOL G . -39.46 -12.71 -5.80
O1 GOL G . -40.13 -13.78 -6.45
C2 GOL G . -40.07 -11.33 -6.25
O2 GOL G . -39.90 -11.05 -7.60
C3 GOL G . -41.56 -11.32 -5.83
O3 GOL G . -41.92 -9.95 -5.69
C1 GOL H . -33.03 -10.55 -17.63
O1 GOL H . -32.80 -9.61 -18.64
C2 GOL H . -32.47 -11.90 -18.11
O2 GOL H . -33.46 -12.68 -18.71
C3 GOL H . -31.27 -11.58 -19.04
O3 GOL H . -30.12 -12.11 -18.44
C ACT I . -38.09 -18.39 7.13
O ACT I . -37.42 -19.45 6.93
OXT ACT I . -39.07 -17.93 6.46
CH3 ACT I . -37.67 -17.51 8.38
C1 GOL J . -21.30 3.11 -0.20
O1 GOL J . -20.64 2.40 0.81
C2 GOL J . -22.59 3.68 0.41
O2 GOL J . -22.36 4.74 1.28
C3 GOL J . -23.46 4.05 -0.78
O3 GOL J . -24.01 2.84 -1.27
S SO4 K . -26.80 18.98 -11.81
O1 SO4 K . -26.29 18.23 -10.68
O2 SO4 K . -25.96 20.16 -12.02
O3 SO4 K . -26.77 18.14 -12.98
O4 SO4 K . -28.18 19.37 -11.50
S SO4 L . -21.18 6.77 5.20
O1 SO4 L . -20.45 8.01 5.48
O2 SO4 L . -22.40 6.74 6.02
O3 SO4 L . -20.35 5.62 5.50
O4 SO4 L . -21.56 6.74 3.79
C1 GOL M . -17.58 1.43 -27.56
O1 GOL M . -17.99 1.94 -26.31
C2 GOL M . -17.08 -0.05 -27.38
O2 GOL M . -17.96 -0.84 -26.67
C3 GOL M . -16.96 -0.56 -28.82
O3 GOL M . -16.54 -1.86 -28.70
C1 GOL N . 38.76 9.59 -4.75
O1 GOL N . 37.58 10.09 -5.31
C2 GOL N . 38.48 8.21 -4.17
O2 GOL N . 37.83 7.41 -5.10
C3 GOL N . 39.87 7.65 -3.77
O3 GOL N . 39.82 6.26 -3.91
C1 GOL O . 26.66 1.96 -12.56
O1 GOL O . 27.89 2.44 -12.06
C2 GOL O . 25.86 3.23 -12.91
O2 GOL O . 26.38 3.81 -14.05
C3 GOL O . 24.34 2.84 -13.03
O3 GOL O . 24.14 1.48 -12.71
C ACT P . 26.24 30.26 -7.76
O ACT P . 27.45 30.32 -7.46
OXT ACT P . 25.33 30.20 -6.93
CH3 ACT P . 25.87 30.27 -9.24
C1 GOL Q . 16.27 9.56 5.45
O1 GOL Q . 15.68 8.51 4.74
C2 GOL Q . 17.25 8.87 6.41
O2 GOL Q . 18.55 8.77 5.92
C3 GOL Q . 17.09 9.55 7.80
O3 GOL Q . 18.20 9.18 8.60
C1 GOL R . 22.95 0.75 11.02
O1 GOL R . 24.28 0.39 10.72
C2 GOL R . 22.81 0.61 12.55
O2 GOL R . 21.46 0.65 12.99
C3 GOL R . 23.52 -0.71 12.83
O3 GOL R . 24.04 -0.63 14.13
C ACT S . 12.97 -36.73 6.10
O ACT S . 13.52 -36.92 4.97
OXT ACT S . 13.40 -37.04 7.24
CH3 ACT S . 11.59 -36.01 6.10
S SO4 T . 27.96 -18.85 10.15
O1 SO4 T . 29.40 -18.96 10.40
O2 SO4 T . 27.40 -17.77 10.95
O3 SO4 T . 27.34 -20.12 10.58
O4 SO4 T . 27.74 -18.62 8.75
C1 GOL U . 21.23 -9.00 -7.23
O1 GOL U . 20.95 -8.81 -8.58
C2 GOL U . 21.67 -10.49 -6.99
O2 GOL U . 21.55 -10.84 -5.66
C3 GOL U . 20.75 -11.35 -7.86
O3 GOL U . 20.71 -12.64 -7.26
C1 GOL V . 9.05 4.47 4.08
O1 GOL V . 9.78 3.28 3.89
C2 GOL V . 9.91 5.43 4.95
O2 GOL V . 10.79 4.76 5.82
C3 GOL V . 10.61 6.39 3.94
O3 GOL V . 11.42 7.30 4.65
#